data_8X0Y
#
_entry.id   8X0Y
#
_cell.length_a   148.359
_cell.length_b   107.030
_cell.length_c   87.340
_cell.angle_alpha   90.00
_cell.angle_beta   100.75
_cell.angle_gamma   90.00
#
_symmetry.space_group_name_H-M   'C 1 2 1'
#
loop_
_entity.id
_entity.type
_entity.pdbx_description
1 polymer 'Spike protein S1'
2 polymer 'Heavy chain of JM-1A Fab'
3 polymer 'Light chain of JM-1A Fab'
4 branched 2-acetamido-2-deoxy-beta-D-glucopyranose-(1-4)-[alpha-L-fucopyranose-(1-6)]2-acetamido-2-deoxy-beta-D-glucopyranose
5 non-polymer 'CHLORIDE ION'
6 non-polymer 'PHOSPHATE ION'
7 water water
#
loop_
_entity_poly.entity_id
_entity_poly.type
_entity_poly.pdbx_seq_one_letter_code
_entity_poly.pdbx_strand_id
1 'polypeptide(L)'
;TNLCPFGEVFNATRFASVYAWNRKRISNCVADYSVLYNSASFSTFKCYGVSPTKLNDLCFTNVYADSFVIRGDEVRQIAP
GQTGKIADYNYKLPDDFTGCVIAWNSNNLDSKVGGNYNYLYRLFRKSNLKPFERDISTEIYQAGSTPCNGVEGFNCYFPL
QSYGFQPTNGVGYQPYRVVVLSFELLHAPATVCGPK
;
B,A
2 'polypeptide(L)'
;(PCA)VQLQQSGPGLVKPSGTLSLTCAVSGASISSGDWWSWVRQSPGRGLEWIGGIFHSGTTNYSPSLKSRVTMSVDQPK
NQFSLHLTSVTAADTAVYYCARMRGIFDYWGQGTLVTVSSASTKGPSVFPLAPSSKSTSGGTAALGCLVKDYFPEPVTVS
WNSGALTSGVHTFPAVLQSSGLYSLSSVVTVPSSSLGTQTYICNVNHKPSNTKVDKKVEPKSC
;
E,G
3 'polypeptide(L)'
;DIQLTQSPSSLSVSVGDRVTITCRASQAISNSLAWYQQKPGKAPKLLLYAASTLESGVPSRFSGSGSGTDFTLTISSLQP
EDFATYYCQHYYSTPFFGGGTKVEIKRTVAAPSVFIFPPSDEQLKSGTASVVCLLNNFYPREAKVQWKVDNALQSGNSQE
SVTEQDSKDSTYSLSSTLTLSKADYEKHKVYACEVTHQGLSSPVTKSFNRGE
;
F,I
#
# COMPACT_ATOMS: atom_id res chain seq x y z
N THR A 1 8.94 3.84 -44.71
CA THR A 1 9.49 2.86 -45.64
C THR A 1 9.03 1.43 -45.33
N ASN A 2 8.76 1.14 -44.06
CA ASN A 2 8.43 -0.23 -43.69
C ASN A 2 7.56 -0.26 -42.44
N LEU A 3 6.98 -1.43 -42.22
CA LEU A 3 6.08 -1.63 -41.10
C LEU A 3 6.87 -2.09 -39.89
N CYS A 4 6.42 -1.67 -38.70
CA CYS A 4 7.18 -2.02 -37.51
C CYS A 4 7.07 -3.52 -37.25
N PRO A 5 8.16 -4.14 -36.75
CA PRO A 5 8.19 -5.62 -36.60
C PRO A 5 7.59 -6.13 -35.30
N PHE A 6 6.28 -5.92 -35.12
CA PHE A 6 5.59 -6.48 -33.96
C PHE A 6 5.49 -7.99 -34.04
N GLY A 7 5.47 -8.55 -35.25
CA GLY A 7 5.32 -9.98 -35.38
C GLY A 7 6.39 -10.76 -34.66
N GLU A 8 7.66 -10.35 -34.78
CA GLU A 8 8.73 -11.08 -34.13
C GLU A 8 8.71 -10.94 -32.61
N VAL A 9 8.02 -9.94 -32.07
CA VAL A 9 7.87 -9.85 -30.62
C VAL A 9 6.73 -10.74 -30.13
N PHE A 10 5.55 -10.58 -30.74
CA PHE A 10 4.36 -11.26 -30.25
C PHE A 10 4.36 -12.75 -30.59
N ASN A 11 4.96 -13.13 -31.72
CA ASN A 11 4.92 -14.50 -32.20
C ASN A 11 6.23 -15.24 -32.01
N ALA A 12 7.17 -14.68 -31.24
CA ALA A 12 8.40 -15.38 -30.95
C ALA A 12 8.10 -16.75 -30.37
N THR A 13 8.90 -17.73 -30.77
CA THR A 13 8.72 -19.08 -30.25
C THR A 13 8.97 -19.13 -28.75
N ARG A 14 10.03 -18.45 -28.33
CA ARG A 14 10.47 -18.43 -26.94
C ARG A 14 10.27 -17.04 -26.35
N PHE A 15 9.87 -17.01 -25.09
CA PHE A 15 9.74 -15.78 -24.32
C PHE A 15 10.73 -15.80 -23.16
N ALA A 16 11.11 -14.61 -22.69
CA ALA A 16 12.07 -14.50 -21.60
C ALA A 16 11.42 -14.79 -20.25
N SER A 17 12.23 -15.27 -19.30
CA SER A 17 11.86 -15.18 -17.90
C SER A 17 11.69 -13.73 -17.49
N VAL A 18 10.73 -13.48 -16.60
CA VAL A 18 10.40 -12.11 -16.24
C VAL A 18 11.59 -11.39 -15.59
N TYR A 19 12.41 -12.10 -14.80
CA TYR A 19 13.54 -11.39 -14.18
C TYR A 19 14.51 -10.88 -15.24
N ALA A 20 14.54 -11.55 -16.40
CA ALA A 20 15.42 -11.20 -17.51
C ALA A 20 14.60 -10.70 -18.69
N TRP A 21 13.55 -9.90 -18.42
CA TRP A 21 12.60 -9.52 -19.45
C TRP A 21 13.29 -8.89 -20.65
N ASN A 22 12.79 -9.20 -21.84
CA ASN A 22 13.41 -8.74 -23.09
C ASN A 22 12.86 -7.37 -23.47
N ARG A 23 13.71 -6.53 -24.05
CA ARG A 23 13.29 -5.24 -24.59
C ARG A 23 13.65 -5.16 -26.07
N LYS A 24 12.68 -4.75 -26.89
CA LYS A 24 12.92 -4.53 -28.32
C LYS A 24 12.59 -3.07 -28.58
N ARG A 25 13.56 -2.31 -29.08
CA ARG A 25 13.31 -0.92 -29.43
C ARG A 25 12.69 -0.82 -30.82
N ILE A 26 11.55 -0.17 -30.92
CA ILE A 26 10.82 0.00 -32.18
C ILE A 26 11.13 1.41 -32.69
N SER A 27 11.81 1.51 -33.83
CA SER A 27 12.21 2.80 -34.35
C SER A 27 12.24 2.77 -35.87
N ASN A 28 12.00 3.95 -36.46
CA ASN A 28 12.06 4.19 -37.90
C ASN A 28 11.23 3.16 -38.68
N CYS A 29 9.92 3.27 -38.46
CA CYS A 29 8.94 2.39 -39.10
C CYS A 29 7.55 2.95 -38.83
N VAL A 30 6.59 2.54 -39.66
CA VAL A 30 5.19 2.89 -39.47
C VAL A 30 4.53 1.75 -38.71
N ALA A 31 3.97 2.06 -37.54
CA ALA A 31 3.37 1.05 -36.67
C ALA A 31 1.90 0.89 -37.03
N ASP A 32 1.53 -0.34 -37.43
CA ASP A 32 0.14 -0.71 -37.71
C ASP A 32 -0.42 -1.40 -36.47
N TYR A 33 -0.94 -0.59 -35.56
CA TYR A 33 -1.47 -1.13 -34.32
C TYR A 33 -2.75 -1.93 -34.54
N SER A 34 -3.29 -1.93 -35.76
CA SER A 34 -4.57 -2.60 -36.04
C SER A 34 -4.49 -4.11 -35.85
N VAL A 35 -3.36 -4.71 -36.23
CA VAL A 35 -3.22 -6.15 -36.04
C VAL A 35 -3.37 -6.52 -34.59
N LEU A 36 -2.95 -5.62 -33.69
CA LEU A 36 -3.01 -5.91 -32.27
C LEU A 36 -4.36 -5.55 -31.66
N TYR A 37 -4.78 -4.29 -31.79
CA TYR A 37 -6.04 -3.92 -31.16
C TYR A 37 -7.19 -4.78 -31.69
N ASN A 38 -7.16 -5.17 -32.98
CA ASN A 38 -8.26 -5.98 -33.52
C ASN A 38 -7.97 -7.49 -33.46
N SER A 39 -7.06 -7.93 -32.60
CA SER A 39 -6.83 -9.35 -32.35
C SER A 39 -7.78 -9.90 -31.29
N ALA A 40 -8.15 -11.17 -31.45
CA ALA A 40 -8.95 -11.89 -30.47
C ALA A 40 -8.11 -12.78 -29.54
N SER A 41 -6.78 -12.85 -29.73
CA SER A 41 -5.96 -13.77 -28.94
C SER A 41 -5.73 -13.27 -27.51
N PHE A 42 -5.75 -11.97 -27.29
CA PHE A 42 -5.32 -11.36 -26.03
C PHE A 42 -6.44 -11.35 -24.98
N SER A 43 -6.12 -11.84 -23.80
CA SER A 43 -7.05 -11.74 -22.69
C SER A 43 -6.92 -10.43 -21.92
N THR A 44 -5.84 -9.68 -22.13
CA THR A 44 -5.64 -8.39 -21.51
C THR A 44 -5.08 -7.46 -22.58
N PHE A 45 -5.66 -6.25 -22.70
CA PHE A 45 -5.21 -5.21 -23.62
C PHE A 45 -5.50 -3.87 -22.92
N LYS A 46 -4.68 -3.54 -21.95
CA LYS A 46 -4.95 -2.46 -21.01
C LYS A 46 -4.02 -1.31 -21.29
N CYS A 47 -4.58 -0.16 -21.64
CA CYS A 47 -3.82 0.97 -22.13
C CYS A 47 -3.91 2.15 -21.16
N TYR A 48 -2.80 2.86 -21.01
CA TYR A 48 -2.67 3.97 -20.09
C TYR A 48 -2.24 5.21 -20.87
N GLY A 49 -2.99 6.30 -20.67
CA GLY A 49 -2.60 7.55 -21.30
C GLY A 49 -2.86 7.64 -22.78
N VAL A 50 -3.69 6.74 -23.33
CA VAL A 50 -3.98 6.75 -24.74
C VAL A 50 -5.15 5.81 -24.99
N SER A 51 -6.04 6.17 -25.91
CA SER A 51 -7.05 5.21 -26.32
C SER A 51 -6.40 4.22 -27.29
N PRO A 52 -6.66 2.91 -27.13
CA PRO A 52 -5.95 1.94 -27.97
C PRO A 52 -6.06 2.16 -29.47
N THR A 53 -7.15 2.79 -29.93
CA THR A 53 -7.40 2.96 -31.36
C THR A 53 -6.90 4.28 -31.92
N LYS A 54 -6.61 5.28 -31.07
CA LYS A 54 -6.05 6.50 -31.62
C LYS A 54 -4.56 6.38 -31.80
N LEU A 55 -4.01 5.19 -31.59
CA LEU A 55 -2.57 4.99 -31.70
C LEU A 55 -2.12 5.17 -33.14
N ASN A 56 -2.91 4.65 -34.09
CA ASN A 56 -2.54 4.77 -35.49
C ASN A 56 -2.62 6.22 -35.98
N ASP A 57 -2.92 7.17 -35.12
CA ASP A 57 -3.04 8.58 -35.47
C ASP A 57 -2.29 9.42 -34.44
N LEU A 58 -1.10 8.95 -34.09
CA LEU A 58 -0.23 9.67 -33.16
C LEU A 58 1.20 9.26 -33.47
N CYS A 59 2.14 10.13 -33.14
CA CYS A 59 3.56 9.91 -33.39
C CYS A 59 4.33 9.91 -32.07
N PHE A 60 5.40 9.11 -32.02
CA PHE A 60 6.19 8.95 -30.82
C PHE A 60 7.68 8.91 -31.17
N THR A 61 8.47 9.46 -30.25
CA THR A 61 9.91 9.50 -30.48
C THR A 61 10.54 8.12 -30.38
N ASN A 62 10.09 7.31 -29.41
CA ASN A 62 10.66 5.98 -29.25
C ASN A 62 9.62 5.05 -28.65
N VAL A 63 9.47 3.87 -29.23
CA VAL A 63 8.53 2.85 -28.78
C VAL A 63 9.33 1.63 -28.33
N TYR A 64 9.01 1.11 -27.15
CA TYR A 64 9.65 -0.12 -26.69
C TYR A 64 8.60 -1.21 -26.52
N ALA A 65 8.99 -2.45 -26.82
CA ALA A 65 8.14 -3.62 -26.62
C ALA A 65 8.90 -4.57 -25.71
N ASP A 66 8.41 -4.72 -24.47
CA ASP A 66 9.03 -5.56 -23.45
C ASP A 66 8.21 -6.85 -23.34
N SER A 67 8.89 -7.98 -23.23
CA SER A 67 8.20 -9.27 -23.32
C SER A 67 8.78 -10.22 -22.28
N PHE A 68 7.91 -11.06 -21.70
CA PHE A 68 8.28 -12.00 -20.64
C PHE A 68 7.07 -12.88 -20.32
N VAL A 69 7.31 -13.87 -19.47
CA VAL A 69 6.27 -14.79 -19.02
C VAL A 69 6.08 -14.63 -17.52
N ILE A 70 4.82 -14.59 -17.08
CA ILE A 70 4.46 -14.62 -15.67
C ILE A 70 3.24 -15.53 -15.50
N ARG A 71 2.75 -15.63 -14.26
CA ARG A 71 1.54 -16.37 -13.94
C ARG A 71 0.32 -15.52 -14.23
N GLY A 72 -0.81 -16.19 -14.44
CA GLY A 72 -2.04 -15.48 -14.77
C GLY A 72 -2.44 -14.52 -13.66
N ASP A 73 -2.31 -14.94 -12.41
CA ASP A 73 -2.72 -14.05 -11.33
C ASP A 73 -1.71 -12.92 -11.08
N GLU A 74 -0.62 -12.88 -11.86
CA GLU A 74 0.35 -11.80 -11.75
C GLU A 74 0.21 -10.74 -12.83
N VAL A 75 -0.64 -10.93 -13.82
CA VAL A 75 -0.78 -9.93 -14.88
C VAL A 75 -1.18 -8.58 -14.30
N ARG A 76 -2.00 -8.60 -13.24
CA ARG A 76 -2.42 -7.35 -12.62
C ARG A 76 -1.24 -6.58 -12.02
N GLN A 77 -0.11 -7.25 -11.80
CA GLN A 77 1.08 -6.56 -11.30
C GLN A 77 1.75 -5.69 -12.36
N ILE A 78 1.44 -5.93 -13.63
CA ILE A 78 2.06 -5.18 -14.73
C ILE A 78 1.24 -3.92 -14.93
N ALA A 79 1.42 -2.98 -14.03
CA ALA A 79 0.60 -1.77 -13.97
C ALA A 79 1.30 -0.79 -13.03
N PRO A 80 1.03 0.51 -13.17
CA PRO A 80 1.68 1.45 -12.26
C PRO A 80 1.18 1.22 -10.84
N GLY A 81 2.05 1.49 -9.86
CA GLY A 81 1.65 1.49 -8.47
C GLY A 81 1.39 0.14 -7.84
N GLN A 82 1.96 -0.93 -8.38
CA GLN A 82 1.75 -2.26 -7.80
C GLN A 82 2.84 -2.58 -6.79
N THR A 83 2.52 -3.51 -5.86
CA THR A 83 3.41 -3.76 -4.72
C THR A 83 3.71 -5.25 -4.50
N GLY A 84 3.55 -6.10 -5.52
CA GLY A 84 3.85 -7.51 -5.37
C GLY A 84 5.27 -7.86 -5.79
N LYS A 85 5.61 -9.13 -5.63
CA LYS A 85 6.99 -9.53 -5.92
C LYS A 85 7.35 -9.27 -7.37
N ILE A 86 6.38 -9.31 -8.28
CA ILE A 86 6.71 -9.02 -9.67
C ILE A 86 7.04 -7.54 -9.85
N ALA A 87 6.17 -6.66 -9.35
CA ALA A 87 6.45 -5.22 -9.50
C ALA A 87 7.71 -4.83 -8.74
N ASP A 88 7.90 -5.34 -7.51
CA ASP A 88 9.04 -4.93 -6.68
C ASP A 88 10.36 -5.47 -7.23
N TYR A 89 10.38 -6.74 -7.67
CA TYR A 89 11.66 -7.40 -7.90
C TYR A 89 11.90 -7.86 -9.33
N ASN A 90 10.92 -7.73 -10.22
CA ASN A 90 11.09 -8.29 -11.55
C ASN A 90 10.86 -7.30 -12.67
N TYR A 91 9.69 -6.67 -12.71
CA TYR A 91 9.39 -5.72 -13.78
C TYR A 91 8.51 -4.61 -13.22
N LYS A 92 8.97 -3.37 -13.31
CA LYS A 92 8.36 -2.22 -12.64
C LYS A 92 7.97 -1.15 -13.66
N LEU A 93 6.67 -0.78 -13.67
CA LEU A 93 6.19 0.30 -14.53
C LEU A 93 6.11 1.62 -13.75
N PRO A 94 6.38 2.76 -14.40
CA PRO A 94 6.33 4.05 -13.70
C PRO A 94 4.92 4.57 -13.51
N ASP A 95 4.78 5.48 -12.54
CA ASP A 95 3.49 6.13 -12.29
C ASP A 95 2.96 6.80 -13.56
N ASP A 96 3.85 7.43 -14.34
CA ASP A 96 3.42 8.17 -15.51
C ASP A 96 3.44 7.31 -16.78
N PHE A 97 3.31 5.99 -16.62
CA PHE A 97 3.35 5.07 -17.75
C PHE A 97 2.33 5.44 -18.81
N THR A 98 2.79 5.47 -20.07
CA THR A 98 1.94 5.60 -21.24
C THR A 98 2.23 4.43 -22.16
N GLY A 99 1.25 3.56 -22.38
CA GLY A 99 1.42 2.37 -23.18
C GLY A 99 0.32 1.38 -22.91
N CYS A 100 0.51 0.16 -23.44
CA CYS A 100 -0.50 -0.88 -23.28
C CYS A 100 0.13 -2.16 -22.77
N VAL A 101 -0.57 -2.81 -21.86
CA VAL A 101 -0.19 -4.11 -21.37
C VAL A 101 -1.07 -5.12 -22.08
N ILE A 102 -0.42 -6.04 -22.79
CA ILE A 102 -1.08 -7.06 -23.61
C ILE A 102 -0.60 -8.41 -23.08
N ALA A 103 -1.55 -9.32 -22.82
CA ALA A 103 -1.19 -10.62 -22.30
C ALA A 103 -2.16 -11.64 -22.85
N TRP A 104 -1.70 -12.88 -22.93
CA TRP A 104 -2.53 -13.99 -23.37
C TRP A 104 -2.06 -15.25 -22.67
N ASN A 105 -3.00 -16.19 -22.46
CA ASN A 105 -2.69 -17.45 -21.82
C ASN A 105 -1.79 -18.28 -22.75
N SER A 106 -0.67 -18.79 -22.21
CA SER A 106 0.28 -19.55 -23.02
C SER A 106 0.48 -20.96 -22.49
N ASN A 107 -0.56 -21.51 -21.84
CA ASN A 107 -0.44 -22.83 -21.22
C ASN A 107 -0.03 -23.89 -22.22
N ASN A 108 -0.53 -23.80 -23.45
CA ASN A 108 -0.25 -24.84 -24.45
C ASN A 108 1.20 -24.81 -24.90
N LEU A 109 1.92 -23.70 -24.71
CA LEU A 109 3.32 -23.63 -25.11
C LEU A 109 4.29 -23.69 -23.93
N ASP A 110 3.93 -23.14 -22.78
CA ASP A 110 4.92 -22.92 -21.73
C ASP A 110 4.80 -23.84 -20.52
N SER A 111 3.85 -24.76 -20.51
CA SER A 111 3.73 -25.76 -19.46
C SER A 111 4.05 -27.15 -20.03
N LYS A 112 4.60 -28.02 -19.17
CA LYS A 112 4.96 -29.40 -19.50
C LYS A 112 4.63 -30.29 -18.31
N VAL A 113 4.40 -31.57 -18.57
CA VAL A 113 3.87 -32.53 -17.61
C VAL A 113 4.54 -32.50 -16.23
N GLY A 114 5.86 -32.52 -16.20
CA GLY A 114 6.55 -32.34 -14.94
C GLY A 114 6.43 -30.91 -14.44
N GLY A 115 6.77 -30.73 -13.16
CA GLY A 115 6.71 -29.42 -12.56
C GLY A 115 7.94 -28.64 -12.94
N ASN A 116 9.02 -28.82 -12.16
CA ASN A 116 10.36 -28.28 -12.38
C ASN A 116 10.49 -27.74 -13.80
N TYR A 117 10.67 -26.43 -13.94
CA TYR A 117 10.62 -25.81 -15.26
C TYR A 117 11.63 -24.66 -15.32
N ASN A 118 11.71 -24.02 -16.48
CA ASN A 118 12.79 -23.10 -16.82
C ASN A 118 12.41 -21.62 -16.67
N TYR A 119 11.16 -21.30 -16.46
CA TYR A 119 10.78 -19.90 -16.28
C TYR A 119 11.01 -19.51 -14.84
N LEU A 120 11.75 -18.43 -14.62
CA LEU A 120 12.17 -18.04 -13.28
C LEU A 120 11.66 -16.64 -12.93
N TYR A 121 11.71 -16.34 -11.63
CA TYR A 121 11.42 -15.01 -11.12
C TYR A 121 12.37 -14.73 -9.97
N ARG A 122 12.61 -13.45 -9.72
CA ARG A 122 13.45 -13.02 -8.61
C ARG A 122 12.58 -12.94 -7.35
N LEU A 123 13.02 -13.61 -6.30
CA LEU A 123 12.29 -13.69 -5.04
C LEU A 123 12.70 -12.61 -4.04
N PHE A 124 13.97 -12.23 -4.03
CA PHE A 124 14.52 -11.28 -3.07
C PHE A 124 15.37 -10.23 -3.77
N ARG A 125 15.43 -9.05 -3.16
CA ARG A 125 16.29 -7.97 -3.64
C ARG A 125 16.49 -6.98 -2.50
N LYS A 126 17.68 -6.39 -2.48
CA LYS A 126 18.01 -5.42 -1.42
C LYS A 126 17.14 -4.16 -1.49
N SER A 127 16.67 -3.82 -2.69
CA SER A 127 15.78 -2.68 -2.89
C SER A 127 14.87 -3.01 -4.05
N ASN A 128 13.78 -2.25 -4.17
CA ASN A 128 12.85 -2.46 -5.26
C ASN A 128 13.45 -1.92 -6.56
N LEU A 129 12.99 -2.49 -7.67
CA LEU A 129 13.41 -2.00 -9.00
C LEU A 129 12.89 -0.60 -9.29
N LYS A 130 13.73 0.24 -9.87
CA LYS A 130 13.25 1.46 -10.51
C LYS A 130 12.43 1.08 -11.74
N PRO A 131 11.55 1.97 -12.20
CA PRO A 131 10.79 1.68 -13.42
C PRO A 131 11.69 1.29 -14.58
N PHE A 132 11.31 0.23 -15.28
CA PHE A 132 12.00 -0.29 -16.45
C PHE A 132 13.43 -0.74 -16.17
N GLU A 133 13.80 -0.90 -14.90
CA GLU A 133 15.11 -1.45 -14.54
C GLU A 133 15.10 -2.98 -14.68
N ARG A 134 16.27 -3.55 -14.95
CA ARG A 134 16.38 -5.01 -15.06
C ARG A 134 17.49 -5.50 -14.16
N ASP A 135 17.25 -6.59 -13.43
CA ASP A 135 18.27 -7.20 -12.59
C ASP A 135 18.44 -8.65 -13.00
N ILE A 136 19.60 -8.99 -13.54
CA ILE A 136 19.90 -10.36 -13.89
C ILE A 136 21.00 -10.95 -13.03
N SER A 137 21.35 -10.30 -11.92
CA SER A 137 22.38 -10.84 -11.06
C SER A 137 21.87 -12.07 -10.32
N THR A 138 22.82 -12.88 -9.84
CA THR A 138 22.56 -14.08 -9.06
C THR A 138 23.38 -14.07 -7.77
N GLU A 139 23.65 -12.88 -7.24
CA GLU A 139 24.32 -12.75 -5.95
C GLU A 139 23.48 -13.41 -4.84
N ILE A 140 24.15 -14.05 -3.89
CA ILE A 140 23.43 -14.66 -2.76
C ILE A 140 22.80 -13.56 -1.92
N TYR A 141 21.52 -13.73 -1.55
CA TYR A 141 20.81 -12.66 -0.84
C TYR A 141 21.03 -12.79 0.67
N GLN A 142 21.52 -11.71 1.28
CA GLN A 142 21.77 -11.70 2.72
C GLN A 142 20.48 -11.30 3.45
N ALA A 143 19.81 -12.29 4.03
CA ALA A 143 18.58 -12.06 4.79
C ALA A 143 18.85 -11.87 6.27
N GLY A 144 20.06 -12.17 6.71
CA GLY A 144 20.40 -12.03 8.11
C GLY A 144 21.48 -11.00 8.38
N SER A 145 22.10 -11.10 9.55
CA SER A 145 23.06 -10.10 9.97
C SER A 145 24.47 -10.34 9.46
N THR A 146 24.82 -11.57 9.10
CA THR A 146 26.22 -11.73 8.70
C THR A 146 26.34 -11.80 7.19
N PRO A 147 27.36 -11.17 6.61
CA PRO A 147 27.52 -11.23 5.15
C PRO A 147 27.64 -12.68 4.65
N CYS A 148 27.09 -12.91 3.47
CA CYS A 148 27.15 -14.26 2.94
C CYS A 148 28.52 -14.55 2.33
N ASN A 149 29.18 -13.53 1.77
CA ASN A 149 30.49 -13.70 1.16
C ASN A 149 30.45 -14.74 0.05
N GLY A 150 29.37 -14.73 -0.71
CA GLY A 150 29.20 -15.64 -1.83
C GLY A 150 28.78 -17.04 -1.47
N VAL A 151 28.51 -17.32 -0.19
CA VAL A 151 28.23 -18.69 0.26
C VAL A 151 26.75 -18.82 0.57
N GLU A 152 26.12 -19.81 -0.04
CA GLU A 152 24.72 -20.08 0.22
C GLU A 152 24.58 -20.76 1.55
N GLY A 153 23.58 -20.38 2.32
CA GLY A 153 23.38 -21.04 3.60
C GLY A 153 22.11 -20.56 4.25
N PHE A 154 21.97 -20.88 5.52
CA PHE A 154 20.76 -20.43 6.18
C PHE A 154 20.86 -18.92 6.28
N ASN A 155 19.79 -18.26 5.89
CA ASN A 155 19.68 -16.81 5.86
C ASN A 155 20.51 -16.22 4.73
N CYS A 156 20.98 -17.03 3.79
CA CYS A 156 21.76 -16.58 2.64
C CYS A 156 21.24 -17.33 1.42
N TYR A 157 20.35 -16.69 0.69
CA TYR A 157 19.52 -17.41 -0.26
C TYR A 157 19.86 -17.10 -1.70
N PHE A 158 19.83 -18.14 -2.53
CA PHE A 158 19.82 -17.91 -3.97
C PHE A 158 18.57 -17.12 -4.33
N PRO A 159 18.68 -16.04 -5.12
CA PRO A 159 17.55 -15.12 -5.30
C PRO A 159 16.56 -15.47 -6.38
N LEU A 160 16.78 -16.48 -7.19
CA LEU A 160 15.86 -16.80 -8.28
C LEU A 160 15.14 -18.11 -7.98
N GLN A 161 13.87 -18.15 -8.28
CA GLN A 161 13.01 -19.30 -8.04
C GLN A 161 12.25 -19.63 -9.32
N SER A 162 11.96 -20.91 -9.52
CA SER A 162 11.27 -21.31 -10.74
C SER A 162 9.75 -21.28 -10.55
N TYR A 163 9.06 -20.87 -11.60
CA TYR A 163 7.63 -21.08 -11.67
C TYR A 163 7.40 -22.57 -11.90
N GLY A 164 6.30 -23.08 -11.38
CA GLY A 164 6.05 -24.50 -11.57
C GLY A 164 4.95 -24.80 -12.57
N PHE A 165 5.15 -24.42 -13.83
CA PHE A 165 4.08 -24.53 -14.84
C PHE A 165 3.84 -25.99 -15.20
N GLN A 166 2.70 -26.52 -14.76
CA GLN A 166 2.15 -27.82 -15.08
C GLN A 166 0.84 -27.65 -15.82
N PRO A 167 0.55 -28.49 -16.83
CA PRO A 167 -0.66 -28.27 -17.63
C PRO A 167 -1.93 -28.31 -16.80
N THR A 168 -1.93 -29.03 -15.69
CA THR A 168 -3.13 -29.19 -14.86
C THR A 168 -3.31 -28.06 -13.86
N ASN A 169 -2.46 -27.05 -13.88
CA ASN A 169 -2.60 -25.91 -12.98
C ASN A 169 -3.88 -25.15 -13.28
N GLY A 170 -4.47 -24.58 -12.24
CA GLY A 170 -5.57 -23.63 -12.42
C GLY A 170 -5.13 -22.39 -13.19
N VAL A 171 -6.11 -21.68 -13.76
CA VAL A 171 -5.78 -20.62 -14.71
C VAL A 171 -4.97 -19.51 -14.08
N GLY A 172 -5.17 -19.27 -12.78
CA GLY A 172 -4.36 -18.27 -12.11
C GLY A 172 -2.91 -18.66 -11.98
N TYR A 173 -2.60 -19.95 -12.10
CA TYR A 173 -1.24 -20.41 -11.98
C TYR A 173 -0.64 -20.80 -13.32
N GLN A 174 -1.37 -20.64 -14.41
CA GLN A 174 -0.87 -20.97 -15.74
C GLN A 174 0.01 -19.85 -16.29
N PRO A 175 0.91 -20.18 -17.21
CA PRO A 175 1.79 -19.15 -17.77
C PRO A 175 1.03 -18.22 -18.69
N TYR A 176 1.37 -16.94 -18.63
CA TYR A 176 0.85 -15.93 -19.54
C TYR A 176 2.04 -15.26 -20.21
N ARG A 177 1.93 -15.06 -21.51
CA ARG A 177 2.91 -14.24 -22.20
C ARG A 177 2.41 -12.82 -22.22
N VAL A 178 3.32 -11.89 -21.95
CA VAL A 178 2.99 -10.47 -21.78
C VAL A 178 3.88 -9.65 -22.70
N VAL A 179 3.27 -8.71 -23.42
CA VAL A 179 4.04 -7.69 -24.12
C VAL A 179 3.59 -6.33 -23.58
N VAL A 180 4.55 -5.51 -23.16
CA VAL A 180 4.28 -4.15 -22.72
C VAL A 180 4.82 -3.22 -23.79
N LEU A 181 3.93 -2.47 -24.42
CA LEU A 181 4.34 -1.42 -25.33
C LEU A 181 4.38 -0.12 -24.53
N SER A 182 5.48 0.60 -24.61
CA SER A 182 5.56 1.90 -23.94
C SER A 182 5.96 2.92 -25.00
N PHE A 183 5.27 4.05 -25.00
CA PHE A 183 5.42 5.10 -26.02
C PHE A 183 5.86 6.39 -25.35
N GLU A 184 6.99 6.93 -25.77
CA GLU A 184 7.52 8.13 -25.16
C GLU A 184 7.64 9.26 -26.18
N LEU A 185 7.36 10.47 -25.72
CA LEU A 185 7.48 11.69 -26.50
C LEU A 185 8.55 12.54 -25.83
N LEU A 186 9.78 12.38 -26.28
CA LEU A 186 10.92 13.05 -25.68
C LEU A 186 11.44 14.19 -26.56
N ALA A 188 13.02 15.93 -29.17
CA ALA A 188 13.44 14.93 -30.14
C ALA A 188 12.39 14.66 -31.23
N PRO A 189 12.80 14.01 -32.34
CA PRO A 189 11.89 13.83 -33.49
C PRO A 189 11.21 12.46 -33.54
N ALA A 190 9.91 12.44 -33.81
CA ALA A 190 9.15 11.20 -33.89
C ALA A 190 9.57 10.36 -35.09
N THR A 191 10.09 9.15 -34.84
CA THR A 191 10.45 8.21 -35.90
C THR A 191 9.46 7.05 -36.03
N VAL A 192 8.56 6.88 -35.07
CA VAL A 192 7.53 5.85 -35.14
C VAL A 192 6.18 6.56 -35.16
N CYS A 193 5.41 6.35 -36.23
CA CYS A 193 4.14 7.00 -36.41
C CYS A 193 3.08 6.00 -36.84
N GLY A 194 1.82 6.31 -36.52
CA GLY A 194 0.72 5.51 -36.98
C GLY A 194 0.38 5.83 -38.42
N PRO A 195 -0.32 4.90 -39.08
CA PRO A 195 -0.66 5.07 -40.50
C PRO A 195 -1.71 6.13 -40.81
N LYS A 196 -2.05 6.98 -39.85
CA LYS A 196 -3.01 8.04 -40.13
C LYS A 196 -2.43 9.43 -39.84
N VAL B 2 3.01 -25.25 -6.55
CA VAL B 2 3.78 -26.36 -5.96
C VAL B 2 2.93 -27.14 -4.99
N GLN B 3 2.85 -28.45 -5.12
CA GLN B 3 2.03 -29.28 -4.25
C GLN B 3 2.89 -30.16 -3.36
N LEU B 4 2.63 -30.11 -2.06
CA LEU B 4 3.31 -30.96 -1.07
C LEU B 4 2.31 -31.95 -0.52
N GLN B 5 2.47 -33.23 -0.84
CA GLN B 5 1.53 -34.28 -0.41
C GLN B 5 2.13 -35.06 0.75
N GLN B 6 1.45 -35.03 1.91
CA GLN B 6 1.95 -35.63 3.14
C GLN B 6 1.37 -37.02 3.34
N SER B 7 2.19 -37.90 3.90
CA SER B 7 1.74 -39.25 4.21
C SER B 7 2.47 -39.71 5.44
N GLY B 8 1.91 -40.74 6.08
CA GLY B 8 2.45 -41.27 7.32
C GLY B 8 1.37 -41.33 8.39
N PRO B 9 1.50 -42.29 9.30
CA PRO B 9 0.43 -42.50 10.28
C PRO B 9 0.37 -41.38 11.31
N GLY B 10 -0.85 -41.03 11.69
CA GLY B 10 -1.12 -39.98 12.63
C GLY B 10 -1.16 -40.39 14.09
N LEU B 11 -1.27 -41.68 14.37
CA LEU B 11 -1.34 -42.18 15.74
C LEU B 11 0.01 -42.79 16.12
N VAL B 12 0.60 -42.32 17.21
CA VAL B 12 1.89 -42.80 17.65
C VAL B 12 1.82 -43.01 19.15
N LYS B 13 2.28 -44.16 19.62
CA LYS B 13 2.30 -44.39 21.05
C LYS B 13 3.40 -43.56 21.70
N PRO B 14 3.19 -43.08 22.93
CA PRO B 14 4.29 -42.45 23.66
C PRO B 14 5.53 -43.34 23.63
N SER B 15 6.69 -42.70 23.44
CA SER B 15 8.03 -43.26 23.23
C SER B 15 8.24 -43.76 21.80
N GLY B 16 7.21 -43.81 20.96
CA GLY B 16 7.37 -44.24 19.60
C GLY B 16 7.99 -43.15 18.75
N THR B 17 8.05 -43.45 17.45
CA THR B 17 8.67 -42.57 16.48
C THR B 17 7.61 -42.08 15.50
N LEU B 18 7.50 -40.76 15.40
CA LEU B 18 6.68 -40.15 14.37
C LEU B 18 7.48 -40.15 13.07
N SER B 19 6.88 -40.60 11.97
CA SER B 19 7.53 -40.60 10.66
C SER B 19 6.57 -40.07 9.63
N LEU B 20 6.97 -39.01 8.94
CA LEU B 20 6.13 -38.40 7.92
C LEU B 20 6.95 -38.17 6.66
N THR B 21 6.29 -38.26 5.52
CA THR B 21 6.93 -38.08 4.22
C THR B 21 6.14 -37.05 3.44
N CYS B 22 6.85 -36.19 2.72
CA CYS B 22 6.27 -35.12 1.91
C CYS B 22 6.67 -35.36 0.46
N ALA B 23 5.69 -35.53 -0.42
CA ALA B 23 5.95 -35.67 -1.85
C ALA B 23 5.75 -34.33 -2.53
N VAL B 24 6.77 -33.89 -3.27
CA VAL B 24 6.76 -32.58 -3.93
C VAL B 24 6.41 -32.76 -5.39
N SER B 25 5.47 -31.95 -5.87
CA SER B 25 5.14 -31.85 -7.28
C SER B 25 5.12 -30.39 -7.67
N GLY B 26 5.45 -30.14 -8.94
CA GLY B 26 5.53 -28.79 -9.44
C GLY B 26 6.79 -28.05 -9.02
N ALA B 27 7.72 -28.72 -8.35
CA ALA B 27 9.00 -28.16 -8.00
C ALA B 27 9.96 -29.31 -7.77
N SER B 28 11.22 -29.04 -7.99
CA SER B 28 12.24 -30.05 -7.83
C SER B 28 12.94 -29.91 -6.48
N ILE B 29 13.21 -31.05 -5.86
CA ILE B 29 13.93 -31.05 -4.59
C ILE B 29 15.31 -30.41 -4.73
N SER B 30 15.94 -30.53 -5.89
CA SER B 30 17.27 -30.00 -6.16
C SER B 30 17.13 -28.51 -6.46
N SER B 31 17.03 -27.73 -5.41
CA SER B 31 16.83 -26.30 -5.54
C SER B 31 17.49 -25.63 -4.34
N GLY B 32 17.53 -24.31 -4.37
CA GLY B 32 18.10 -23.64 -3.24
C GLY B 32 17.10 -23.47 -2.11
N ASP B 33 16.16 -24.41 -1.97
CA ASP B 33 15.14 -24.34 -0.92
C ASP B 33 15.46 -25.27 0.24
N TRP B 34 14.93 -24.91 1.41
CA TRP B 34 15.02 -25.73 2.60
C TRP B 34 13.69 -26.44 2.79
N TRP B 35 13.69 -27.78 2.61
CA TRP B 35 12.48 -28.58 2.74
C TRP B 35 12.20 -28.80 4.23
N SER B 36 11.09 -28.24 4.71
CA SER B 36 10.98 -27.94 6.13
C SER B 36 9.69 -28.53 6.70
N TRP B 37 9.65 -28.59 8.02
CA TRP B 37 8.49 -29.05 8.77
C TRP B 37 8.17 -28.02 9.85
N VAL B 38 6.87 -27.78 10.04
CA VAL B 38 6.36 -26.84 11.03
C VAL B 38 5.15 -27.49 11.68
N ARG B 39 5.04 -27.38 13.00
CA ARG B 39 3.92 -27.98 13.73
C ARG B 39 3.09 -26.92 14.46
N GLN B 40 1.86 -27.32 14.78
CA GLN B 40 0.89 -26.43 15.40
C GLN B 40 0.05 -27.20 16.39
N SER B 41 0.13 -26.82 17.66
CA SER B 41 -0.69 -27.33 18.75
C SER B 41 -1.28 -26.16 19.54
N PRO B 42 -2.50 -26.31 20.04
CA PRO B 42 -3.13 -25.25 20.84
C PRO B 42 -2.20 -24.65 21.89
N GLY B 43 -2.12 -23.32 21.89
CA GLY B 43 -1.31 -22.58 22.84
C GLY B 43 0.11 -22.36 22.36
N ARG B 44 0.62 -23.30 21.57
CA ARG B 44 2.00 -23.21 21.12
C ARG B 44 2.09 -22.44 19.81
N GLY B 45 0.96 -22.22 19.13
CA GLY B 45 0.99 -21.59 17.83
C GLY B 45 1.77 -22.41 16.84
N LEU B 46 2.40 -21.74 15.89
CA LEU B 46 3.18 -22.40 14.87
C LEU B 46 4.59 -22.53 15.40
N GLU B 47 5.20 -23.69 15.19
CA GLU B 47 6.54 -23.91 15.70
C GLU B 47 7.41 -24.51 14.59
N TRP B 48 8.44 -23.79 14.18
CA TRP B 48 9.36 -24.34 13.18
C TRP B 48 10.14 -25.50 13.78
N ILE B 49 10.15 -26.64 13.08
CA ILE B 49 10.90 -27.80 13.54
C ILE B 49 12.30 -27.83 12.94
N GLY B 50 12.42 -27.58 11.65
CA GLY B 50 13.71 -27.68 11.00
C GLY B 50 13.56 -27.74 9.50
N GLY B 51 14.70 -27.74 8.82
CA GLY B 51 14.69 -27.83 7.38
C GLY B 51 15.95 -28.54 6.89
N ILE B 52 15.87 -29.09 5.69
CA ILE B 52 16.97 -29.85 5.12
C ILE B 52 17.20 -29.40 3.68
N PHE B 53 18.46 -29.13 3.36
CA PHE B 53 18.86 -28.75 2.01
C PHE B 53 19.10 -30.01 1.20
N HIS B 54 18.93 -29.91 -0.12
CA HIS B 54 19.03 -31.11 -0.94
C HIS B 54 20.41 -31.75 -0.83
N SER B 55 21.42 -30.99 -0.45
CA SER B 55 22.76 -31.51 -0.20
C SER B 55 22.85 -32.36 1.07
N GLY B 56 21.83 -32.34 1.92
CA GLY B 56 21.88 -33.04 3.19
C GLY B 56 22.18 -32.17 4.39
N THR B 57 22.62 -30.93 4.19
CA THR B 57 22.79 -30.01 5.30
C THR B 57 21.46 -29.79 6.00
N THR B 58 21.48 -29.78 7.32
CA THR B 58 20.24 -29.65 8.09
C THR B 58 20.31 -28.46 9.03
N ASN B 59 19.15 -27.92 9.36
CA ASN B 59 19.05 -26.89 10.37
C ASN B 59 17.82 -27.19 11.21
N TYR B 60 18.03 -27.54 12.49
CA TYR B 60 16.98 -28.02 13.37
C TYR B 60 16.74 -27.04 14.51
N SER B 61 15.50 -26.98 14.98
CA SER B 61 15.22 -26.27 16.21
C SER B 61 16.08 -26.87 17.32
N PRO B 62 16.85 -26.06 18.04
CA PRO B 62 17.73 -26.64 19.07
C PRO B 62 16.98 -27.38 20.17
N SER B 63 15.76 -26.96 20.50
CA SER B 63 14.99 -27.69 21.50
C SER B 63 14.64 -29.11 21.05
N LEU B 64 14.64 -29.40 19.74
CA LEU B 64 14.22 -30.70 19.24
C LEU B 64 15.33 -31.51 18.59
N LYS B 65 16.50 -30.92 18.36
CA LYS B 65 17.57 -31.53 17.57
C LYS B 65 17.85 -32.99 17.91
N SER B 66 18.02 -33.29 19.20
CA SER B 66 18.40 -34.65 19.60
C SER B 66 17.39 -35.71 19.15
N ARG B 67 16.15 -35.33 18.90
CA ARG B 67 15.09 -36.28 18.58
C ARG B 67 14.68 -36.22 17.12
N VAL B 68 15.15 -35.21 16.37
CA VAL B 68 14.73 -34.93 15.00
C VAL B 68 15.79 -35.38 14.01
N THR B 69 15.33 -36.08 12.98
CA THR B 69 16.11 -36.45 11.82
C THR B 69 15.24 -36.15 10.61
N MET B 70 15.85 -35.58 9.59
CA MET B 70 15.17 -35.37 8.32
C MET B 70 16.02 -35.98 7.23
N SER B 71 15.39 -36.25 6.10
CA SER B 71 16.11 -36.84 4.98
C SER B 71 15.45 -36.35 3.70
N VAL B 72 16.19 -36.49 2.60
CA VAL B 72 15.70 -36.14 1.27
C VAL B 72 15.93 -37.34 0.35
N ASP B 73 15.03 -37.50 -0.64
CA ASP B 73 15.16 -38.50 -1.70
C ASP B 73 14.96 -37.79 -3.05
N GLN B 74 16.06 -37.38 -3.71
CA GLN B 74 15.90 -36.63 -4.96
C GLN B 74 15.22 -37.45 -6.05
N PRO B 75 15.62 -38.69 -6.32
CA PRO B 75 14.93 -39.45 -7.38
C PRO B 75 13.43 -39.59 -7.15
N LYS B 76 12.99 -39.73 -5.91
CA LYS B 76 11.56 -39.73 -5.69
C LYS B 76 10.98 -38.32 -5.47
N ASN B 77 11.81 -37.30 -5.37
CA ASN B 77 11.34 -35.92 -5.15
C ASN B 77 10.48 -35.81 -3.89
N GLN B 78 11.03 -36.26 -2.78
CA GLN B 78 10.34 -36.27 -1.50
C GLN B 78 11.35 -36.03 -0.39
N PHE B 79 10.83 -35.73 0.81
CA PHE B 79 11.65 -35.58 1.99
C PHE B 79 10.81 -36.00 3.19
N SER B 80 11.48 -36.28 4.32
CA SER B 80 10.84 -36.96 5.43
C SER B 80 11.28 -36.33 6.74
N LEU B 81 10.43 -36.52 7.75
CA LEU B 81 10.68 -36.13 9.13
C LEU B 81 10.59 -37.36 10.00
N HIS B 82 11.52 -37.51 10.94
CA HIS B 82 11.46 -38.56 11.95
C HIS B 82 11.69 -37.90 13.30
N LEU B 83 10.78 -38.12 14.23
CA LEU B 83 10.83 -37.56 15.57
C LEU B 83 10.70 -38.70 16.57
N THR B 84 11.75 -38.96 17.33
CA THR B 84 11.80 -40.14 18.19
C THR B 84 11.32 -39.81 19.60
N SER B 85 10.99 -40.87 20.33
CA SER B 85 10.63 -40.79 21.75
C SER B 85 9.56 -39.72 22.00
N VAL B 86 8.47 -39.81 21.24
CA VAL B 86 7.44 -38.78 21.30
C VAL B 86 6.72 -38.82 22.66
N THR B 87 6.30 -37.65 23.12
CA THR B 87 5.48 -37.50 24.32
C THR B 87 4.15 -36.84 23.95
N ALA B 88 3.28 -36.68 24.94
CA ALA B 88 2.00 -36.04 24.65
C ALA B 88 2.21 -34.63 24.10
N ALA B 89 3.27 -33.95 24.55
CA ALA B 89 3.57 -32.60 24.08
C ALA B 89 3.87 -32.54 22.58
N ASP B 90 4.12 -33.68 21.93
CA ASP B 90 4.37 -33.70 20.50
C ASP B 90 3.09 -33.86 19.69
N THR B 91 1.95 -34.07 20.34
CA THR B 91 0.67 -34.07 19.65
C THR B 91 0.45 -32.71 18.98
N ALA B 92 0.19 -32.74 17.66
CA ALA B 92 0.08 -31.50 16.90
C ALA B 92 -0.30 -31.84 15.46
N VAL B 93 -0.68 -30.79 14.72
CA VAL B 93 -0.77 -30.88 13.28
C VAL B 93 0.61 -30.56 12.72
N TYR B 94 1.18 -31.49 11.96
CA TYR B 94 2.51 -31.35 11.37
C TYR B 94 2.37 -31.01 9.88
N TYR B 95 3.05 -29.94 9.46
CA TYR B 95 3.04 -29.46 8.09
C TYR B 95 4.42 -29.55 7.50
N CYS B 96 4.53 -30.00 6.24
CA CYS B 96 5.76 -29.80 5.49
C CYS B 96 5.63 -28.52 4.65
N ALA B 97 6.78 -27.94 4.29
CA ALA B 97 6.76 -26.64 3.66
C ALA B 97 8.05 -26.44 2.86
N ARG B 98 7.94 -25.74 1.73
CA ARG B 98 9.12 -25.26 1.01
C ARG B 98 9.51 -23.92 1.59
N MET B 99 10.75 -23.81 2.08
CA MET B 99 11.22 -22.62 2.76
C MET B 99 12.46 -22.06 2.07
N ARG B 100 12.46 -20.76 1.87
CA ARG B 100 13.62 -20.00 1.45
C ARG B 100 13.46 -18.64 2.11
N GLY B 101 13.71 -18.59 3.42
CA GLY B 101 13.32 -17.43 4.19
C GLY B 101 11.84 -17.54 4.48
N ILE B 102 11.03 -17.37 3.45
CA ILE B 102 9.58 -17.50 3.52
C ILE B 102 9.19 -18.96 3.36
N PHE B 103 8.03 -19.31 3.91
CA PHE B 103 7.40 -20.61 3.67
C PHE B 103 6.31 -20.37 2.62
N ASP B 104 6.65 -20.53 1.34
CA ASP B 104 5.66 -20.13 0.34
C ASP B 104 4.66 -21.24 0.00
N TYR B 105 5.01 -22.51 0.14
CA TYR B 105 4.07 -23.59 -0.15
C TYR B 105 4.08 -24.60 0.99
N TRP B 106 2.88 -25.10 1.33
CA TRP B 106 2.65 -25.92 2.51
C TRP B 106 1.90 -27.18 2.14
N GLY B 107 2.20 -28.27 2.83
CA GLY B 107 1.39 -29.44 2.74
C GLY B 107 0.06 -29.24 3.44
N GLN B 108 -0.82 -30.24 3.28
CA GLN B 108 -2.14 -30.18 3.90
C GLN B 108 -2.08 -30.36 5.42
N GLY B 109 -0.95 -30.85 5.95
CA GLY B 109 -0.87 -31.13 7.37
C GLY B 109 -1.33 -32.54 7.70
N THR B 110 -0.71 -33.10 8.73
CA THR B 110 -1.08 -34.42 9.24
C THR B 110 -1.26 -34.32 10.75
N LEU B 111 -2.48 -34.56 11.22
CA LEU B 111 -2.72 -34.56 12.66
C LEU B 111 -2.01 -35.74 13.31
N VAL B 112 -1.11 -35.46 14.25
CA VAL B 112 -0.38 -36.51 14.95
C VAL B 112 -0.85 -36.54 16.40
N THR B 113 -1.36 -37.70 16.81
CA THR B 113 -1.87 -37.90 18.15
C THR B 113 -0.93 -38.86 18.87
N VAL B 114 -0.32 -38.42 19.95
CA VAL B 114 0.52 -39.31 20.74
C VAL B 114 -0.39 -39.92 21.80
N SER B 115 -0.70 -41.20 21.67
CA SER B 115 -1.63 -41.82 22.61
C SER B 115 -1.44 -43.32 22.60
N SER B 116 -1.68 -43.92 23.77
CA SER B 116 -1.64 -45.38 23.89
C SER B 116 -2.92 -46.06 23.43
N ALA B 117 -3.99 -45.29 23.16
CA ALA B 117 -5.27 -45.89 22.81
C ALA B 117 -5.24 -46.48 21.41
N SER B 118 -6.11 -47.44 21.18
CA SER B 118 -6.14 -48.17 19.92
C SER B 118 -7.08 -47.50 18.93
N THR B 119 -6.83 -47.77 17.65
CA THR B 119 -7.66 -47.25 16.56
C THR B 119 -9.04 -47.90 16.60
N LYS B 120 -10.06 -47.09 16.37
CA LYS B 120 -11.42 -47.60 16.31
C LYS B 120 -12.19 -46.82 15.24
N GLY B 121 -12.91 -47.53 14.37
CA GLY B 121 -13.73 -46.89 13.38
C GLY B 121 -15.09 -46.46 13.93
N PRO B 122 -15.69 -45.43 13.34
CA PRO B 122 -16.97 -44.91 13.86
C PRO B 122 -18.18 -45.71 13.42
N SER B 123 -19.21 -45.64 14.25
CA SER B 123 -20.58 -45.95 13.84
C SER B 123 -21.23 -44.67 13.33
N VAL B 124 -22.06 -44.80 12.30
CA VAL B 124 -22.72 -43.66 11.66
C VAL B 124 -24.24 -43.81 11.79
N PHE B 125 -24.88 -42.84 12.42
CA PHE B 125 -26.32 -42.91 12.69
C PHE B 125 -27.05 -41.73 12.06
N PRO B 126 -28.23 -41.95 11.51
CA PRO B 126 -28.98 -40.82 10.94
C PRO B 126 -29.50 -39.91 12.05
N LEU B 127 -29.50 -38.61 11.76
CA LEU B 127 -30.20 -37.60 12.56
C LEU B 127 -31.37 -37.17 11.69
N ALA B 128 -32.50 -37.84 11.91
CA ALA B 128 -33.63 -37.74 10.99
C ALA B 128 -34.29 -36.39 11.09
N PRO B 129 -34.75 -35.84 9.98
CA PRO B 129 -35.58 -34.64 10.04
C PRO B 129 -36.96 -35.04 10.52
N SER B 130 -37.63 -34.08 11.14
CA SER B 130 -38.94 -34.34 11.71
C SER B 130 -39.91 -33.27 11.29
N SER B 131 -39.42 -32.18 10.72
CA SER B 131 -40.24 -31.17 10.06
C SER B 131 -40.33 -31.42 8.56
N LYS B 132 -40.97 -32.57 8.21
CA LYS B 132 -41.71 -32.69 6.95
C LYS B 132 -42.94 -31.78 6.96
N SER B 133 -42.83 -30.68 7.69
CA SER B 133 -43.84 -29.69 8.00
C SER B 133 -44.32 -28.84 6.83
N THR B 134 -44.73 -27.62 7.17
CA THR B 134 -45.24 -26.65 6.22
C THR B 134 -44.16 -26.28 5.20
N SER B 135 -44.59 -26.19 3.94
CA SER B 135 -43.71 -25.74 2.90
C SER B 135 -43.18 -24.34 3.23
N GLY B 136 -42.05 -24.01 2.62
CA GLY B 136 -41.32 -22.79 2.89
C GLY B 136 -40.59 -22.85 4.22
N GLY B 137 -40.85 -23.93 4.97
CA GLY B 137 -40.13 -24.13 6.20
C GLY B 137 -38.79 -24.76 5.91
N THR B 138 -37.91 -24.76 6.89
CA THR B 138 -36.59 -25.33 6.71
C THR B 138 -36.45 -26.45 7.72
N ALA B 139 -36.10 -27.62 7.22
CA ALA B 139 -35.84 -28.79 8.05
C ALA B 139 -34.36 -28.97 8.27
N ALA B 140 -34.02 -29.66 9.37
CA ALA B 140 -32.63 -29.97 9.68
C ALA B 140 -32.47 -31.47 9.78
N LEU B 141 -31.40 -31.99 9.15
CA LEU B 141 -31.05 -33.39 9.27
C LEU B 141 -29.54 -33.52 9.39
N GLY B 142 -29.08 -34.73 9.68
CA GLY B 142 -27.65 -34.91 9.80
C GLY B 142 -27.24 -36.36 10.00
N CYS B 143 -25.97 -36.52 10.37
CA CYS B 143 -25.37 -37.80 10.69
C CYS B 143 -24.55 -37.65 11.96
N LEU B 144 -24.74 -38.59 12.87
CA LEU B 144 -23.96 -38.72 14.09
C LEU B 144 -22.88 -39.75 13.85
N VAL B 145 -21.62 -39.30 13.92
CA VAL B 145 -20.44 -40.12 13.66
C VAL B 145 -19.81 -40.40 15.01
N LYS B 146 -20.04 -41.60 15.56
CA LYS B 146 -19.84 -41.82 16.99
C LYS B 146 -18.82 -42.92 17.26
N ASP B 147 -18.00 -42.69 18.28
CA ASP B 147 -17.10 -43.67 18.87
C ASP B 147 -15.94 -44.05 17.95
N TYR B 148 -15.09 -43.09 17.60
CA TYR B 148 -13.93 -43.39 16.77
C TYR B 148 -12.66 -42.86 17.45
N PHE B 149 -11.52 -43.37 16.99
CA PHE B 149 -10.22 -42.90 17.46
C PHE B 149 -9.17 -43.33 16.45
N PRO B 150 -8.16 -42.50 16.16
CA PRO B 150 -8.06 -41.09 16.52
C PRO B 150 -8.81 -40.21 15.54
N GLU B 151 -8.72 -38.90 15.76
CA GLU B 151 -9.05 -37.97 14.71
C GLU B 151 -8.10 -38.19 13.53
N PRO B 152 -8.51 -37.84 12.30
CA PRO B 152 -9.78 -37.24 11.88
C PRO B 152 -10.73 -38.18 11.17
N VAL B 153 -12.01 -37.80 11.15
CA VAL B 153 -12.96 -38.25 10.13
C VAL B 153 -13.24 -37.08 9.21
N THR B 154 -13.67 -37.39 8.00
CA THR B 154 -14.21 -36.39 7.09
C THR B 154 -15.66 -36.73 6.78
N VAL B 155 -16.48 -35.69 6.60
CA VAL B 155 -17.88 -35.86 6.25
C VAL B 155 -18.20 -35.02 5.01
N SER B 156 -18.83 -35.65 4.02
CA SER B 156 -19.42 -34.92 2.92
C SER B 156 -20.90 -35.30 2.84
N TRP B 157 -21.63 -34.53 2.03
CA TRP B 157 -23.04 -34.80 1.78
C TRP B 157 -23.26 -34.94 0.28
N ASN B 158 -23.91 -36.03 -0.12
CA ASN B 158 -24.22 -36.30 -1.53
C ASN B 158 -22.96 -36.24 -2.38
N SER B 159 -21.91 -36.91 -1.90
CA SER B 159 -20.62 -37.00 -2.56
C SER B 159 -20.07 -35.63 -2.96
N GLY B 160 -20.41 -34.59 -2.20
CA GLY B 160 -19.84 -33.28 -2.42
C GLY B 160 -20.76 -32.29 -3.12
N ALA B 161 -21.90 -32.75 -3.63
CA ALA B 161 -22.83 -31.86 -4.32
C ALA B 161 -23.53 -30.90 -3.37
N LEU B 162 -23.69 -31.29 -2.10
CA LEU B 162 -24.41 -30.51 -1.10
C LEU B 162 -23.38 -29.90 -0.17
N THR B 163 -23.20 -28.58 -0.27
CA THR B 163 -22.25 -27.84 0.54
C THR B 163 -22.91 -26.73 1.36
N SER B 164 -23.89 -26.05 0.78
CA SER B 164 -24.51 -24.92 1.45
C SER B 164 -25.31 -25.36 2.67
N GLY B 165 -25.13 -24.65 3.77
CA GLY B 165 -25.88 -24.91 4.99
C GLY B 165 -25.38 -26.08 5.81
N VAL B 166 -24.26 -26.68 5.42
CA VAL B 166 -23.69 -27.82 6.12
C VAL B 166 -22.86 -27.33 7.29
N HIS B 167 -23.05 -27.94 8.45
CA HIS B 167 -22.17 -27.73 9.59
C HIS B 167 -21.65 -29.07 10.09
N THR B 168 -20.35 -29.28 9.95
CA THR B 168 -19.67 -30.41 10.56
C THR B 168 -18.95 -29.92 11.82
N PHE B 169 -19.40 -30.41 12.99
CA PHE B 169 -18.89 -29.91 14.25
C PHE B 169 -17.50 -30.48 14.56
N PRO B 170 -16.69 -29.73 15.30
CA PRO B 170 -15.43 -30.27 15.82
C PRO B 170 -15.65 -31.51 16.67
N ALA B 171 -14.75 -32.48 16.50
CA ALA B 171 -14.82 -33.71 17.28
C ALA B 171 -14.59 -33.43 18.75
N VAL B 172 -15.36 -34.09 19.61
CA VAL B 172 -15.20 -33.99 21.05
C VAL B 172 -14.96 -35.38 21.63
N LEU B 173 -14.11 -35.42 22.64
CA LEU B 173 -13.78 -36.67 23.28
C LEU B 173 -14.84 -36.98 24.34
N GLN B 174 -15.50 -38.14 24.23
CA GLN B 174 -16.57 -38.52 25.14
C GLN B 174 -16.00 -39.10 26.43
N SER B 175 -16.88 -39.32 27.43
CA SER B 175 -16.43 -39.85 28.72
C SER B 175 -15.69 -41.18 28.56
N SER B 176 -15.97 -41.91 27.48
CA SER B 176 -15.33 -43.19 27.20
C SER B 176 -13.90 -43.05 26.67
N GLY B 177 -13.48 -41.84 26.28
CA GLY B 177 -12.20 -41.68 25.63
C GLY B 177 -12.20 -41.88 24.13
N LEU B 178 -13.37 -41.97 23.52
CA LEU B 178 -13.55 -42.07 22.08
C LEU B 178 -14.17 -40.78 21.56
N TYR B 179 -13.87 -40.44 20.30
CA TYR B 179 -14.41 -39.21 19.76
C TYR B 179 -15.80 -39.42 19.18
N SER B 180 -16.55 -38.33 19.14
CA SER B 180 -17.82 -38.29 18.46
C SER B 180 -18.02 -36.90 17.88
N LEU B 181 -18.77 -36.84 16.78
CA LEU B 181 -19.09 -35.58 16.14
C LEU B 181 -20.35 -35.78 15.33
N SER B 182 -21.10 -34.70 15.17
CA SER B 182 -22.22 -34.66 14.24
C SER B 182 -21.94 -33.72 13.09
N SER B 183 -22.51 -34.06 11.93
CA SER B 183 -22.59 -33.16 10.79
C SER B 183 -24.06 -32.96 10.43
N VAL B 184 -24.48 -31.70 10.32
CA VAL B 184 -25.87 -31.37 10.03
C VAL B 184 -25.97 -30.46 8.81
N VAL B 185 -27.13 -30.49 8.17
CA VAL B 185 -27.44 -29.55 7.09
C VAL B 185 -28.92 -29.19 7.18
N THR B 186 -29.23 -27.93 6.90
CA THR B 186 -30.61 -27.46 6.77
C THR B 186 -31.05 -27.43 5.30
N VAL B 187 -32.20 -28.04 5.02
CA VAL B 187 -32.73 -28.16 3.67
C VAL B 187 -34.20 -27.71 3.69
N PRO B 188 -34.76 -27.40 2.52
CA PRO B 188 -36.19 -27.06 2.49
C PRO B 188 -37.05 -28.23 2.96
N SER B 189 -38.04 -27.93 3.80
CA SER B 189 -38.95 -28.95 4.29
C SER B 189 -39.71 -29.62 3.15
N SER B 190 -39.94 -28.90 2.04
CA SER B 190 -40.72 -29.43 0.93
C SER B 190 -40.06 -30.66 0.31
N SER B 191 -38.77 -30.58 -0.01
CA SER B 191 -38.05 -31.61 -0.75
C SER B 191 -37.79 -32.87 0.06
N LEU B 192 -38.33 -32.99 1.26
CA LEU B 192 -37.91 -34.05 2.16
C LEU B 192 -38.26 -35.43 1.62
N GLY B 193 -39.51 -35.63 1.22
CA GLY B 193 -39.92 -36.94 0.79
C GLY B 193 -39.46 -37.32 -0.62
N THR B 194 -38.94 -36.36 -1.39
CA THR B 194 -38.44 -36.57 -2.74
C THR B 194 -36.92 -36.61 -2.78
N GLN B 195 -36.28 -35.59 -2.22
CA GLN B 195 -34.83 -35.47 -2.25
C GLN B 195 -34.16 -36.49 -1.32
N THR B 196 -33.09 -37.12 -1.82
CA THR B 196 -32.26 -38.09 -1.09
C THR B 196 -31.10 -37.34 -0.43
N TYR B 197 -30.79 -37.69 0.82
CA TYR B 197 -29.68 -37.06 1.51
C TYR B 197 -28.78 -38.16 2.04
N ILE B 198 -27.51 -38.14 1.65
CA ILE B 198 -26.55 -39.16 2.06
C ILE B 198 -25.31 -38.48 2.63
N CYS B 199 -24.90 -38.86 3.84
CA CYS B 199 -23.63 -38.41 4.39
C CYS B 199 -22.55 -39.45 4.09
N ASN B 200 -21.40 -38.99 3.61
CA ASN B 200 -20.27 -39.85 3.26
C ASN B 200 -19.20 -39.64 4.33
N VAL B 201 -18.99 -40.64 5.17
CA VAL B 201 -18.04 -40.58 6.27
C VAL B 201 -16.81 -41.42 5.92
N ASN B 202 -15.63 -40.86 6.15
CA ASN B 202 -14.38 -41.58 5.94
C ASN B 202 -13.52 -41.43 7.20
N HIS B 203 -13.11 -42.55 7.77
CA HIS B 203 -12.12 -42.60 8.85
C HIS B 203 -10.93 -43.42 8.33
N LYS B 204 -9.97 -42.74 7.69
CA LYS B 204 -8.81 -43.44 7.16
C LYS B 204 -8.04 -44.27 8.19
N PRO B 205 -7.80 -43.84 9.43
CA PRO B 205 -7.03 -44.71 10.34
C PRO B 205 -7.60 -46.11 10.48
N SER B 206 -8.91 -46.26 10.30
CA SER B 206 -9.56 -47.56 10.45
C SER B 206 -10.03 -48.12 9.12
N ASN B 207 -9.73 -47.44 8.00
CA ASN B 207 -10.20 -47.84 6.67
C ASN B 207 -11.72 -48.01 6.64
N THR B 208 -12.41 -47.09 7.31
CA THR B 208 -13.86 -47.10 7.38
C THR B 208 -14.39 -46.08 6.38
N LYS B 209 -15.17 -46.54 5.41
CA LYS B 209 -15.88 -45.66 4.50
C LYS B 209 -17.34 -46.04 4.53
N VAL B 210 -18.18 -45.13 5.04
CA VAL B 210 -19.59 -45.39 5.25
C VAL B 210 -20.42 -44.35 4.50
N ASP B 211 -21.49 -44.79 3.86
CA ASP B 211 -22.53 -43.91 3.34
C ASP B 211 -23.83 -44.20 4.06
N LYS B 212 -24.47 -43.15 4.58
CA LYS B 212 -25.72 -43.31 5.32
C LYS B 212 -26.81 -42.48 4.68
N LYS B 213 -27.93 -43.12 4.33
CA LYS B 213 -29.08 -42.37 3.85
C LYS B 213 -29.83 -41.80 5.03
N VAL B 214 -30.15 -40.52 4.95
CA VAL B 214 -30.93 -39.86 6.00
C VAL B 214 -32.29 -39.51 5.42
N GLU B 215 -33.31 -40.27 5.81
CA GLU B 215 -34.67 -40.03 5.37
C GLU B 215 -35.60 -39.78 6.56
N PRO B 216 -36.68 -39.00 6.38
CA PRO B 216 -37.57 -38.67 7.50
C PRO B 216 -38.03 -39.90 8.26
N LYS B 217 -38.40 -39.70 9.52
CA LYS B 217 -38.95 -40.75 10.36
C LYS B 217 -40.41 -40.43 10.63
N SER B 218 -41.24 -41.46 10.52
CA SER B 218 -42.68 -41.32 10.74
C SER B 218 -43.16 -42.56 11.49
N CYS B 219 -44.37 -42.45 12.04
CA CYS B 219 -44.99 -43.54 12.80
C CYS B 219 -44.97 -44.86 12.03
N ASP C 1 18.10 -16.30 20.87
CA ASP C 1 17.43 -16.22 19.57
C ASP C 1 16.59 -14.94 19.47
N ILE C 2 16.33 -14.49 18.25
CA ILE C 2 15.47 -13.33 18.03
C ILE C 2 14.02 -13.80 18.05
N GLN C 3 13.19 -13.15 18.85
CA GLN C 3 11.80 -13.53 19.04
C GLN C 3 10.87 -12.41 18.56
N LEU C 4 9.61 -12.79 18.36
CA LEU C 4 8.59 -11.89 17.87
C LEU C 4 7.35 -11.99 18.76
N THR C 5 6.69 -10.85 19.01
CA THR C 5 5.41 -10.86 19.72
C THR C 5 4.41 -10.01 18.94
N GLN C 6 3.15 -10.43 18.98
CA GLN C 6 2.07 -9.77 18.26
C GLN C 6 1.08 -9.10 19.20
N SER C 7 0.52 -7.99 18.73
CA SER C 7 -0.46 -7.27 19.50
C SER C 7 -1.50 -6.69 18.56
N PRO C 8 -2.80 -6.83 18.86
CA PRO C 8 -3.32 -7.60 20.00
C PRO C 8 -3.29 -9.08 19.70
N SER C 9 -3.59 -9.92 20.69
CA SER C 9 -3.62 -11.35 20.45
C SER C 9 -4.93 -11.79 19.85
N SER C 10 -5.97 -10.98 20.03
CA SER C 10 -7.26 -11.26 19.45
C SER C 10 -8.00 -9.95 19.36
N LEU C 11 -8.77 -9.79 18.30
CA LEU C 11 -9.63 -8.63 18.19
C LEU C 11 -10.90 -9.06 17.49
N SER C 12 -11.96 -8.29 17.71
CA SER C 12 -13.26 -8.52 17.12
C SER C 12 -13.68 -7.22 16.45
N VAL C 13 -13.89 -7.26 15.14
CA VAL C 13 -14.20 -6.06 14.38
C VAL C 13 -15.30 -6.35 13.38
N SER C 14 -15.99 -5.29 12.98
CA SER C 14 -17.09 -5.41 12.03
C SER C 14 -16.58 -5.51 10.61
N VAL C 15 -17.43 -6.10 9.77
CA VAL C 15 -17.15 -6.19 8.34
C VAL C 15 -16.95 -4.78 7.80
N GLY C 16 -15.93 -4.61 6.97
CA GLY C 16 -15.62 -3.31 6.41
C GLY C 16 -14.69 -2.46 7.23
N ASP C 17 -14.38 -2.87 8.46
CA ASP C 17 -13.50 -2.06 9.30
C ASP C 17 -12.05 -2.26 8.92
N ARG C 18 -11.24 -1.26 9.23
CA ARG C 18 -9.80 -1.29 9.04
C ARG C 18 -9.16 -2.06 10.19
N VAL C 19 -8.23 -2.95 9.88
CA VAL C 19 -7.59 -3.80 10.88
C VAL C 19 -6.09 -3.52 10.86
N THR C 20 -5.54 -3.31 12.03
CA THR C 20 -4.13 -3.02 12.23
C THR C 20 -3.57 -4.02 13.24
N ILE C 21 -2.57 -4.79 12.82
CA ILE C 21 -1.94 -5.80 13.66
C ILE C 21 -0.45 -5.49 13.73
N THR C 22 0.11 -5.54 14.94
CA THR C 22 1.49 -5.18 15.18
C THR C 22 2.34 -6.43 15.44
N CYS C 23 3.55 -6.43 14.90
CA CYS C 23 4.55 -7.46 15.20
C CYS C 23 5.82 -6.75 15.63
N ARG C 24 6.33 -7.12 16.80
CA ARG C 24 7.54 -6.50 17.34
C ARG C 24 8.61 -7.55 17.51
N ALA C 25 9.84 -7.24 17.09
CA ALA C 25 10.98 -8.14 17.18
C ALA C 25 11.85 -7.73 18.37
N SER C 26 12.38 -8.72 19.06
CA SER C 26 13.22 -8.48 20.24
C SER C 26 14.55 -7.84 19.89
N GLN C 27 14.97 -7.95 18.62
CA GLN C 27 16.14 -7.27 18.07
C GLN C 27 15.83 -6.88 16.63
N ALA C 28 16.62 -5.94 16.11
CA ALA C 28 16.40 -5.50 14.73
C ALA C 28 16.55 -6.69 13.79
N ILE C 29 15.65 -6.80 12.82
CA ILE C 29 15.70 -7.88 11.84
C ILE C 29 15.62 -7.35 10.42
N SER C 30 16.06 -6.10 10.20
CA SER C 30 15.99 -5.46 8.88
C SER C 30 14.54 -5.56 8.37
N ASN C 31 14.30 -6.03 7.15
CA ASN C 31 12.96 -6.26 6.63
C ASN C 31 12.70 -7.74 6.34
N SER C 32 13.42 -8.62 7.02
CA SER C 32 13.24 -10.07 6.79
C SER C 32 12.05 -10.58 7.60
N LEU C 33 10.87 -10.11 7.21
CA LEU C 33 9.65 -10.35 7.98
C LEU C 33 8.52 -10.70 7.03
N ALA C 34 7.80 -11.78 7.33
CA ALA C 34 6.66 -12.19 6.52
C ALA C 34 5.43 -12.31 7.40
N TRP C 35 4.26 -12.25 6.75
CA TRP C 35 2.96 -12.42 7.40
C TRP C 35 2.18 -13.54 6.72
N TYR C 36 1.46 -14.30 7.53
CA TYR C 36 0.67 -15.45 7.09
C TYR C 36 -0.76 -15.33 7.62
N GLN C 37 -1.70 -15.83 6.82
CA GLN C 37 -3.10 -15.96 7.20
C GLN C 37 -3.41 -17.45 7.34
N GLN C 38 -4.00 -17.84 8.46
CA GLN C 38 -4.37 -19.24 8.67
C GLN C 38 -5.85 -19.38 8.99
N LYS C 39 -6.62 -19.90 8.04
CA LYS C 39 -8.03 -20.17 8.27
C LYS C 39 -8.20 -21.52 8.97
N PRO C 40 -9.31 -21.70 9.68
CA PRO C 40 -9.50 -22.95 10.45
C PRO C 40 -9.43 -24.18 9.55
N GLY C 41 -8.70 -25.19 10.01
CA GLY C 41 -8.59 -26.42 9.26
C GLY C 41 -7.69 -26.37 8.06
N LYS C 42 -6.91 -25.29 7.88
CA LYS C 42 -6.06 -25.12 6.70
C LYS C 42 -4.64 -24.75 7.12
N ALA C 43 -3.71 -24.97 6.18
CA ALA C 43 -2.32 -24.56 6.36
C ALA C 43 -2.23 -23.03 6.30
N PRO C 44 -1.23 -22.45 6.95
CA PRO C 44 -1.00 -21.01 6.80
C PRO C 44 -0.77 -20.68 5.34
N LYS C 45 -1.17 -19.48 4.95
CA LYS C 45 -1.01 -18.99 3.60
C LYS C 45 -0.18 -17.71 3.66
N LEU C 46 0.88 -17.64 2.85
CA LEU C 46 1.73 -16.47 2.83
C LEU C 46 1.03 -15.28 2.19
N LEU C 47 1.00 -14.15 2.91
CA LEU C 47 0.45 -12.89 2.42
C LEU C 47 1.52 -11.91 1.93
N LEU C 48 2.54 -11.68 2.76
CA LEU C 48 3.52 -10.61 2.57
C LEU C 48 4.88 -11.10 3.02
N TYR C 49 5.93 -10.59 2.40
CA TYR C 49 7.27 -10.83 2.92
C TYR C 49 8.14 -9.63 2.59
N ALA C 50 9.40 -9.68 3.01
CA ALA C 50 10.26 -8.50 2.95
C ALA C 50 9.53 -7.28 3.56
N ALA C 51 8.69 -7.54 4.57
CA ALA C 51 7.87 -6.55 5.28
C ALA C 51 6.69 -6.02 4.46
N SER C 52 6.91 -5.63 3.19
CA SER C 52 5.88 -4.97 2.40
C SER C 52 5.56 -5.59 1.06
N THR C 53 6.24 -6.65 0.65
CA THR C 53 6.03 -7.19 -0.69
C THR C 53 4.92 -8.23 -0.67
N LEU C 54 3.85 -7.97 -1.42
CA LEU C 54 2.75 -8.93 -1.49
C LEU C 54 3.13 -10.17 -2.29
N GLU C 55 2.73 -11.32 -1.79
CA GLU C 55 2.83 -12.55 -2.57
C GLU C 55 1.83 -12.51 -3.72
N SER C 56 2.18 -13.18 -4.82
CA SER C 56 1.30 -13.21 -5.98
C SER C 56 -0.08 -13.74 -5.61
N GLY C 57 -1.11 -13.11 -6.18
CA GLY C 57 -2.48 -13.54 -5.98
C GLY C 57 -3.11 -13.08 -4.68
N VAL C 58 -2.40 -12.38 -3.83
CA VAL C 58 -2.97 -11.96 -2.54
C VAL C 58 -3.85 -10.71 -2.76
N PRO C 59 -5.03 -10.65 -2.16
CA PRO C 59 -5.94 -9.51 -2.42
C PRO C 59 -5.34 -8.17 -2.00
N SER C 60 -5.77 -7.10 -2.69
CA SER C 60 -5.18 -5.78 -2.48
C SER C 60 -5.51 -5.17 -1.12
N ARG C 61 -6.49 -5.68 -0.37
CA ARG C 61 -6.78 -5.08 0.93
C ARG C 61 -5.71 -5.38 1.98
N PHE C 62 -4.78 -6.32 1.71
CA PHE C 62 -3.69 -6.64 2.62
C PHE C 62 -2.44 -5.83 2.28
N SER C 63 -1.79 -5.27 3.29
CA SER C 63 -0.51 -4.61 3.08
C SER C 63 0.32 -4.70 4.37
N GLY C 64 1.62 -4.46 4.21
CA GLY C 64 2.52 -4.50 5.33
C GLY C 64 3.51 -3.36 5.27
N SER C 65 4.05 -3.03 6.43
CA SER C 65 5.05 -1.99 6.55
C SER C 65 5.95 -2.34 7.72
N GLY C 66 7.03 -1.59 7.86
CA GLY C 66 7.91 -1.72 9.01
C GLY C 66 9.33 -2.09 8.61
N SER C 67 10.28 -1.81 9.50
CA SER C 67 11.68 -2.16 9.37
C SER C 67 12.26 -2.21 10.77
N GLY C 68 13.32 -2.99 10.94
CA GLY C 68 13.98 -3.04 12.23
C GLY C 68 13.25 -3.90 13.25
N THR C 69 12.48 -3.27 14.16
CA THR C 69 11.75 -4.02 15.18
C THR C 69 10.23 -3.85 15.13
N ASP C 70 9.70 -2.91 14.37
CA ASP C 70 8.27 -2.59 14.41
C ASP C 70 7.67 -2.84 13.04
N PHE C 71 6.69 -3.73 12.96
CA PHE C 71 6.06 -4.15 11.71
C PHE C 71 4.55 -4.10 11.86
N THR C 72 3.84 -3.84 10.76
CA THR C 72 2.40 -3.69 10.79
C THR C 72 1.78 -4.42 9.62
N LEU C 73 0.78 -5.24 9.90
CA LEU C 73 -0.11 -5.80 8.89
C LEU C 73 -1.40 -4.98 8.90
N THR C 74 -1.87 -4.62 7.72
CA THR C 74 -3.10 -3.85 7.59
C THR C 74 -4.06 -4.61 6.71
N ILE C 75 -5.31 -4.74 7.15
CA ILE C 75 -6.41 -5.12 6.27
C ILE C 75 -7.25 -3.88 6.09
N SER C 76 -7.30 -3.34 4.87
CA SER C 76 -7.90 -2.02 4.71
C SER C 76 -9.41 -2.05 4.91
N SER C 77 -10.04 -3.20 4.59
CA SER C 77 -11.48 -3.36 4.69
C SER C 77 -11.77 -4.85 4.92
N LEU C 78 -12.09 -5.22 6.15
CA LEU C 78 -12.31 -6.61 6.50
C LEU C 78 -13.53 -7.20 5.80
N GLN C 79 -13.35 -8.36 5.19
CA GLN C 79 -14.44 -9.11 4.60
C GLN C 79 -14.74 -10.32 5.48
N PRO C 80 -15.95 -10.90 5.36
CA PRO C 80 -16.31 -11.99 6.29
C PRO C 80 -15.38 -13.20 6.20
N GLU C 81 -14.85 -13.49 5.01
CA GLU C 81 -13.96 -14.64 4.82
C GLU C 81 -12.58 -14.40 5.43
N ASP C 82 -12.33 -13.20 5.95
CA ASP C 82 -11.04 -12.88 6.55
C ASP C 82 -10.93 -13.34 7.99
N PHE C 83 -11.97 -13.97 8.55
CA PHE C 83 -11.84 -14.64 9.84
C PHE C 83 -10.66 -15.61 9.78
N ALA C 84 -9.66 -15.42 10.64
CA ALA C 84 -8.45 -16.26 10.60
C ALA C 84 -7.54 -15.80 11.73
N THR C 85 -6.45 -16.53 11.92
CA THR C 85 -5.36 -16.12 12.79
C THR C 85 -4.20 -15.70 11.90
N TYR C 86 -3.63 -14.52 12.18
CA TYR C 86 -2.57 -13.93 11.39
C TYR C 86 -1.26 -14.01 12.15
N TYR C 87 -0.22 -14.51 11.48
CA TYR C 87 1.07 -14.76 12.12
C TYR C 87 2.14 -13.96 11.42
N CYS C 88 3.06 -13.38 12.19
CA CYS C 88 4.30 -12.89 11.61
C CYS C 88 5.39 -13.93 11.80
N GLN C 89 6.44 -13.83 10.99
CA GLN C 89 7.56 -14.76 11.05
C GLN C 89 8.77 -14.08 10.47
N HIS C 90 9.90 -14.14 11.16
CA HIS C 90 11.12 -13.57 10.58
C HIS C 90 12.05 -14.67 10.08
N TYR C 91 12.91 -14.29 9.14
CA TYR C 91 13.94 -15.16 8.60
C TYR C 91 15.27 -14.44 8.65
N TYR C 92 15.45 -13.63 9.70
CA TYR C 92 16.73 -12.96 9.92
C TYR C 92 17.77 -13.90 10.50
N SER C 93 17.33 -14.90 11.25
CA SER C 93 18.22 -15.89 11.80
C SER C 93 17.43 -17.18 11.90
N THR C 94 17.46 -17.86 13.04
CA THR C 94 16.60 -19.03 13.20
C THR C 94 15.14 -18.63 12.98
N PRO C 95 14.40 -19.32 12.10
CA PRO C 95 13.02 -18.92 11.83
C PRO C 95 12.20 -18.94 13.11
N PHE C 96 11.36 -17.93 13.25
CA PHE C 96 10.57 -17.81 14.47
C PHE C 96 9.22 -17.23 14.11
N PHE C 97 8.16 -17.89 14.56
CA PHE C 97 6.79 -17.44 14.34
C PHE C 97 6.27 -16.68 15.56
N GLY C 98 5.65 -15.53 15.32
CA GLY C 98 4.91 -14.86 16.39
C GLY C 98 3.71 -15.69 16.85
N GLY C 99 3.10 -15.21 17.94
CA GLY C 99 2.05 -15.95 18.64
C GLY C 99 0.72 -15.97 17.93
N GLY C 100 0.54 -15.12 16.92
CA GLY C 100 -0.72 -15.11 16.19
C GLY C 100 -1.69 -14.07 16.74
N THR C 101 -2.48 -13.51 15.81
CA THR C 101 -3.54 -12.56 16.17
C THR C 101 -4.83 -13.11 15.60
N LYS C 102 -5.75 -13.46 16.49
CA LYS C 102 -6.99 -14.09 16.07
C LYS C 102 -7.99 -12.99 15.72
N VAL C 103 -8.43 -12.96 14.47
CA VAL C 103 -9.35 -11.93 14.00
C VAL C 103 -10.75 -12.53 13.91
N GLU C 104 -11.67 -12.05 14.73
CA GLU C 104 -13.06 -12.48 14.73
C GLU C 104 -13.94 -11.37 14.20
N ILE C 105 -15.14 -11.74 13.78
CA ILE C 105 -16.01 -10.79 13.13
C ILE C 105 -17.18 -10.46 14.04
N LYS C 106 -17.37 -9.17 14.27
CA LYS C 106 -18.47 -8.65 15.06
C LYS C 106 -19.63 -8.34 14.12
N ARG C 107 -20.81 -8.77 14.50
CA ARG C 107 -22.03 -8.62 13.73
C ARG C 107 -23.21 -8.48 14.69
N THR C 108 -24.41 -8.40 14.13
CA THR C 108 -25.61 -8.20 14.93
C THR C 108 -26.03 -9.50 15.63
N VAL C 109 -26.71 -9.34 16.77
CA VAL C 109 -27.23 -10.48 17.50
C VAL C 109 -28.13 -11.31 16.58
N ALA C 110 -28.00 -12.62 16.67
CA ALA C 110 -28.90 -13.54 16.00
C ALA C 110 -29.20 -14.64 16.98
N ALA C 111 -30.50 -14.86 17.26
CA ALA C 111 -30.89 -15.93 18.16
C ALA C 111 -30.74 -17.26 17.45
N PRO C 112 -30.41 -18.32 18.19
CA PRO C 112 -30.31 -19.66 17.58
C PRO C 112 -31.66 -20.22 17.18
N SER C 113 -31.67 -20.95 16.05
CA SER C 113 -32.76 -21.86 15.72
C SER C 113 -32.45 -23.23 16.31
N VAL C 114 -33.39 -23.78 17.08
CA VAL C 114 -33.14 -24.96 17.88
C VAL C 114 -33.87 -26.16 17.28
N PHE C 115 -33.15 -27.27 17.16
CA PHE C 115 -33.66 -28.53 16.66
C PHE C 115 -33.21 -29.63 17.61
N ILE C 116 -34.01 -30.68 17.74
CA ILE C 116 -33.64 -31.81 18.58
C ILE C 116 -33.86 -33.09 17.80
N PHE C 117 -32.95 -34.06 17.98
CA PHE C 117 -32.90 -35.29 17.19
C PHE C 117 -32.95 -36.50 18.12
N PRO C 118 -33.91 -37.39 17.94
CA PRO C 118 -34.00 -38.56 18.79
C PRO C 118 -32.94 -39.58 18.40
N PRO C 119 -32.66 -40.56 19.26
CA PRO C 119 -31.74 -41.63 18.84
C PRO C 119 -32.36 -42.44 17.73
N SER C 120 -31.51 -42.88 16.80
CA SER C 120 -31.95 -43.71 15.70
C SER C 120 -32.22 -45.13 16.18
N ASP C 121 -33.02 -45.85 15.40
CA ASP C 121 -33.29 -47.24 15.75
C ASP C 121 -32.03 -48.07 15.63
N GLU C 122 -31.18 -47.75 14.66
CA GLU C 122 -29.92 -48.47 14.51
C GLU C 122 -29.06 -48.31 15.75
N GLN C 123 -28.98 -47.09 16.31
CA GLN C 123 -28.13 -46.89 17.48
C GLN C 123 -28.70 -47.59 18.70
N LEU C 124 -30.03 -47.62 18.84
CA LEU C 124 -30.61 -48.28 20.00
C LEU C 124 -30.36 -49.78 19.93
N LYS C 125 -30.36 -50.34 18.72
CA LYS C 125 -30.03 -51.75 18.53
C LYS C 125 -28.63 -52.07 19.02
N SER C 126 -27.73 -51.09 18.98
CA SER C 126 -26.34 -51.25 19.37
C SER C 126 -26.11 -51.03 20.87
N GLY C 127 -27.10 -50.62 21.63
CA GLY C 127 -26.98 -50.53 23.07
C GLY C 127 -26.83 -49.13 23.65
N THR C 128 -26.88 -48.08 22.84
CA THR C 128 -26.79 -46.72 23.36
C THR C 128 -27.86 -45.83 22.75
N ALA C 129 -28.08 -44.69 23.40
CA ALA C 129 -29.02 -43.68 22.93
C ALA C 129 -28.34 -42.32 23.03
N SER C 130 -28.24 -41.63 21.91
CA SER C 130 -27.76 -40.25 21.86
C SER C 130 -28.89 -39.34 21.44
N VAL C 131 -29.12 -38.28 22.20
CA VAL C 131 -30.05 -37.22 21.83
C VAL C 131 -29.21 -35.99 21.48
N VAL C 132 -29.46 -35.42 20.31
CA VAL C 132 -28.67 -34.31 19.80
C VAL C 132 -29.54 -33.07 19.76
N CYS C 133 -29.06 -31.99 20.38
CA CYS C 133 -29.68 -30.68 20.33
C CYS C 133 -28.80 -29.78 19.47
N LEU C 134 -29.40 -29.12 18.47
CA LEU C 134 -28.68 -28.27 17.53
C LEU C 134 -29.14 -26.83 17.71
N LEU C 135 -28.17 -25.93 17.90
CA LEU C 135 -28.40 -24.49 17.91
C LEU C 135 -27.76 -23.95 16.65
N ASN C 136 -28.57 -23.47 15.73
CA ASN C 136 -28.10 -23.15 14.40
C ASN C 136 -28.07 -21.64 14.20
N ASN C 137 -26.93 -21.17 13.69
CA ASN C 137 -26.75 -19.84 13.11
C ASN C 137 -27.11 -18.72 14.07
N PHE C 138 -26.35 -18.64 15.15
CA PHE C 138 -26.54 -17.60 16.15
C PHE C 138 -25.29 -16.74 16.30
N TYR C 139 -25.48 -15.59 16.95
CA TYR C 139 -24.45 -14.65 17.31
C TYR C 139 -24.95 -13.82 18.47
N PRO C 140 -24.13 -13.56 19.50
CA PRO C 140 -22.73 -13.98 19.67
C PRO C 140 -22.55 -15.42 20.08
N ARG C 141 -21.29 -15.79 20.32
CA ARG C 141 -20.91 -17.17 20.60
C ARG C 141 -21.48 -17.68 21.91
N GLU C 142 -21.59 -16.82 22.91
CA GLU C 142 -22.05 -17.23 24.23
C GLU C 142 -23.43 -17.88 24.17
N ALA C 143 -23.52 -19.12 24.63
CA ALA C 143 -24.79 -19.83 24.69
C ALA C 143 -24.69 -20.92 25.76
N LYS C 144 -25.79 -21.14 26.47
CA LYS C 144 -25.84 -22.14 27.52
C LYS C 144 -26.88 -23.18 27.15
N VAL C 145 -26.55 -24.45 27.31
CA VAL C 145 -27.47 -25.55 27.09
C VAL C 145 -27.58 -26.36 28.38
N GLN C 146 -28.81 -26.68 28.77
CA GLN C 146 -29.08 -27.53 29.92
C GLN C 146 -30.02 -28.65 29.52
N TRP C 147 -29.72 -29.85 29.97
CA TRP C 147 -30.54 -31.01 29.68
C TRP C 147 -31.40 -31.38 30.88
N LYS C 148 -32.65 -31.70 30.61
CA LYS C 148 -33.55 -32.23 31.63
C LYS C 148 -34.09 -33.56 31.13
N VAL C 149 -34.08 -34.56 32.00
CA VAL C 149 -34.59 -35.90 31.69
C VAL C 149 -35.69 -36.22 32.70
N ASP C 150 -36.91 -36.40 32.21
CA ASP C 150 -38.10 -36.51 33.05
C ASP C 150 -38.17 -35.34 34.04
N ASN C 151 -38.02 -34.13 33.50
CA ASN C 151 -38.07 -32.90 34.28
C ASN C 151 -37.00 -32.84 35.37
N ALA C 152 -35.97 -33.68 35.30
CA ALA C 152 -34.87 -33.70 36.26
C ALA C 152 -33.59 -33.24 35.58
N LEU C 153 -32.95 -32.25 36.19
CA LEU C 153 -31.74 -31.68 35.61
C LEU C 153 -30.62 -32.69 35.56
N GLN C 154 -29.94 -32.75 34.41
CA GLN C 154 -28.85 -33.66 34.16
C GLN C 154 -27.51 -32.97 34.40
N SER C 155 -26.51 -33.77 34.74
CA SER C 155 -25.15 -33.31 34.90
C SER C 155 -24.25 -34.50 34.61
N GLY C 156 -23.18 -34.24 33.84
CA GLY C 156 -22.16 -35.22 33.59
C GLY C 156 -22.37 -36.15 32.41
N ASN C 157 -23.42 -35.98 31.61
CA ASN C 157 -23.68 -36.90 30.50
C ASN C 157 -23.87 -36.21 29.14
N SER C 158 -23.53 -34.93 29.03
CA SER C 158 -23.69 -34.17 27.80
C SER C 158 -22.37 -33.56 27.38
N GLN C 159 -22.18 -33.42 26.08
CA GLN C 159 -21.01 -32.78 25.51
C GLN C 159 -21.38 -31.77 24.45
N GLU C 160 -20.64 -30.66 24.42
CA GLU C 160 -20.90 -29.55 23.50
C GLU C 160 -19.76 -29.34 22.51
N SER C 161 -20.12 -28.94 21.30
CA SER C 161 -19.17 -28.58 20.25
C SER C 161 -19.68 -27.36 19.49
N VAL C 162 -18.78 -26.43 19.17
CA VAL C 162 -19.13 -25.20 18.48
C VAL C 162 -18.36 -25.12 17.17
N THR C 163 -19.05 -24.76 16.10
CA THR C 163 -18.36 -24.51 14.85
C THR C 163 -17.51 -23.25 14.98
N GLU C 164 -16.64 -23.04 14.01
CA GLU C 164 -15.97 -21.75 13.93
C GLU C 164 -16.89 -20.79 13.19
N GLN C 165 -16.62 -19.50 13.39
CA GLN C 165 -17.44 -18.45 12.80
C GLN C 165 -17.63 -18.69 11.31
N ASP C 166 -18.87 -18.60 10.86
CA ASP C 166 -19.15 -18.90 9.46
C ASP C 166 -18.47 -17.90 8.52
N SER C 167 -17.89 -18.41 7.44
CA SER C 167 -17.14 -17.54 6.54
C SER C 167 -18.04 -16.59 5.76
N LYS C 168 -19.35 -16.85 5.70
CA LYS C 168 -20.25 -16.00 4.92
C LYS C 168 -21.14 -15.10 5.78
N ASP C 169 -21.78 -15.62 6.84
CA ASP C 169 -22.66 -14.78 7.65
C ASP C 169 -22.15 -14.53 9.06
N SER C 170 -20.96 -15.02 9.40
CA SER C 170 -20.27 -14.74 10.66
C SER C 170 -20.99 -15.30 11.88
N THR C 171 -21.93 -16.23 11.69
CA THR C 171 -22.64 -16.83 12.82
C THR C 171 -21.90 -18.08 13.31
N TYR C 172 -22.36 -18.60 14.45
CA TYR C 172 -21.92 -19.87 15.01
C TYR C 172 -23.05 -20.88 15.01
N SER C 173 -22.68 -22.16 15.08
CA SER C 173 -23.61 -23.23 15.40
C SER C 173 -23.00 -24.09 16.48
N LEU C 174 -23.86 -24.82 17.20
CA LEU C 174 -23.48 -25.56 18.37
C LEU C 174 -24.32 -26.84 18.43
N SER C 175 -23.68 -27.93 18.81
CA SER C 175 -24.34 -29.19 19.10
C SER C 175 -24.13 -29.51 20.57
N SER C 176 -25.18 -30.02 21.22
CA SER C 176 -25.06 -30.60 22.55
C SER C 176 -25.63 -32.01 22.47
N THR C 177 -24.82 -33.01 22.82
CA THR C 177 -25.21 -34.40 22.66
C THR C 177 -25.35 -35.04 24.04
N LEU C 178 -26.52 -35.59 24.32
CA LEU C 178 -26.78 -36.32 25.55
C LEU C 178 -26.75 -37.80 25.22
N THR C 179 -25.90 -38.55 25.90
CA THR C 179 -25.75 -39.97 25.57
C THR C 179 -25.97 -40.81 26.82
N LEU C 180 -26.87 -41.78 26.71
CA LEU C 180 -27.18 -42.74 27.76
C LEU C 180 -27.10 -44.15 27.20
N SER C 181 -26.89 -45.11 28.09
CA SER C 181 -27.07 -46.51 27.75
C SER C 181 -28.53 -46.76 27.38
N LYS C 182 -28.76 -47.78 26.55
CA LYS C 182 -30.13 -48.10 26.14
C LYS C 182 -31.00 -48.40 27.35
N ALA C 183 -30.44 -49.09 28.34
CA ALA C 183 -31.23 -49.42 29.54
C ALA C 183 -31.67 -48.16 30.27
N ASP C 184 -30.75 -47.21 30.45
CA ASP C 184 -31.12 -45.96 31.12
C ASP C 184 -32.06 -45.11 30.27
N TYR C 185 -31.84 -45.10 28.95
CA TYR C 185 -32.73 -44.38 28.05
C TYR C 185 -34.16 -44.90 28.15
N GLU C 186 -34.33 -46.22 28.25
CA GLU C 186 -35.66 -46.82 28.28
C GLU C 186 -36.40 -46.55 29.59
N LYS C 187 -35.70 -46.10 30.65
CA LYS C 187 -36.35 -45.79 31.92
C LYS C 187 -37.07 -44.45 31.91
N HIS C 188 -36.84 -43.61 30.91
CA HIS C 188 -37.33 -42.24 30.95
C HIS C 188 -38.08 -41.93 29.66
N LYS C 189 -38.83 -40.82 29.71
CA LYS C 189 -39.69 -40.45 28.60
C LYS C 189 -39.35 -39.10 27.98
N VAL C 190 -39.11 -38.07 28.79
CA VAL C 190 -38.94 -36.71 28.28
C VAL C 190 -37.46 -36.35 28.25
N TYR C 191 -36.97 -35.96 27.08
CA TYR C 191 -35.59 -35.51 26.93
C TYR C 191 -35.62 -34.09 26.39
N ALA C 192 -35.16 -33.14 27.18
CA ALA C 192 -35.32 -31.74 26.82
C ALA C 192 -33.99 -31.00 26.92
N CYS C 193 -33.70 -30.18 25.91
CA CYS C 193 -32.55 -29.29 25.93
C CYS C 193 -33.05 -27.86 26.03
N GLU C 194 -32.57 -27.13 27.03
CA GLU C 194 -32.98 -25.76 27.29
C GLU C 194 -31.85 -24.84 26.89
N VAL C 195 -32.16 -23.87 26.04
CA VAL C 195 -31.15 -23.02 25.43
C VAL C 195 -31.30 -21.59 25.94
N THR C 196 -30.19 -21.02 26.39
CA THR C 196 -30.15 -19.64 26.84
C THR C 196 -29.26 -18.85 25.91
N HIS C 197 -29.80 -17.77 25.34
CA HIS C 197 -29.01 -16.95 24.44
C HIS C 197 -29.57 -15.53 24.46
N GLN C 198 -28.65 -14.59 24.22
CA GLN C 198 -28.90 -13.16 24.25
C GLN C 198 -30.03 -12.74 23.30
N GLY C 199 -30.14 -13.38 22.15
CA GLY C 199 -31.19 -13.01 21.20
C GLY C 199 -32.61 -13.44 21.57
N LEU C 200 -32.78 -14.22 22.64
CA LEU C 200 -34.07 -14.71 23.09
C LEU C 200 -34.53 -13.91 24.30
N SER C 201 -35.84 -13.70 24.44
CA SER C 201 -36.31 -13.03 25.66
C SER C 201 -36.13 -13.90 26.88
N SER C 202 -36.33 -15.20 26.73
CA SER C 202 -36.19 -16.16 27.82
C SER C 202 -35.70 -17.47 27.23
N PRO C 203 -35.20 -18.39 28.05
CA PRO C 203 -34.68 -19.63 27.50
C PRO C 203 -35.73 -20.38 26.70
N VAL C 204 -35.26 -21.09 25.67
CA VAL C 204 -36.10 -21.84 24.75
C VAL C 204 -35.80 -23.32 24.96
N THR C 205 -36.86 -24.13 25.00
CA THR C 205 -36.73 -25.58 25.20
C THR C 205 -37.30 -26.34 24.01
N LYS C 206 -36.54 -27.33 23.54
CA LYS C 206 -37.01 -28.34 22.61
C LYS C 206 -36.87 -29.70 23.30
N SER C 207 -37.81 -30.59 23.01
CA SER C 207 -37.79 -31.84 23.73
C SER C 207 -38.26 -32.97 22.82
N PHE C 208 -37.87 -34.17 23.20
CA PHE C 208 -38.29 -35.38 22.53
C PHE C 208 -38.86 -36.33 23.59
N ASN C 209 -39.92 -37.02 23.22
CA ASN C 209 -40.58 -38.00 24.09
C ASN C 209 -40.41 -39.41 23.52
N ARG C 210 -39.73 -40.27 24.27
CA ARG C 210 -39.54 -41.66 23.87
C ARG C 210 -40.87 -42.40 23.73
N GLY C 211 -41.14 -42.94 22.55
CA GLY C 211 -42.32 -43.76 22.40
C GLY C 211 -43.57 -42.99 21.98
N GLU C 212 -43.40 -41.88 21.28
CA GLU C 212 -44.54 -41.06 20.88
C GLU C 212 -44.59 -40.83 19.37
N ASN D 2 -33.08 -3.25 -29.66
CA ASN D 2 -32.51 -2.07 -30.31
C ASN D 2 -31.10 -1.81 -29.82
N LEU D 3 -30.61 -0.60 -30.05
CA LEU D 3 -29.28 -0.18 -29.65
C LEU D 3 -29.28 0.36 -28.23
N CYS D 4 -28.19 0.11 -27.53
CA CYS D 4 -28.04 0.56 -26.16
C CYS D 4 -27.81 2.06 -26.11
N PRO D 5 -28.39 2.76 -25.11
CA PRO D 5 -28.36 4.25 -25.05
C PRO D 5 -27.12 4.82 -24.39
N PHE D 6 -25.97 4.60 -25.03
CA PHE D 6 -24.71 5.17 -24.53
C PHE D 6 -24.67 6.68 -24.70
N GLY D 7 -25.36 7.21 -25.72
CA GLY D 7 -25.34 8.65 -25.94
C GLY D 7 -25.84 9.43 -24.74
N GLU D 8 -26.96 8.99 -24.16
CA GLU D 8 -27.52 9.74 -23.05
C GLU D 8 -26.65 9.61 -21.80
N VAL D 9 -25.77 8.62 -21.74
CA VAL D 9 -24.82 8.55 -20.64
C VAL D 9 -23.61 9.42 -20.91
N PHE D 10 -22.99 9.26 -22.10
CA PHE D 10 -21.76 9.97 -22.40
C PHE D 10 -21.99 11.43 -22.72
N ASN D 11 -23.14 11.76 -23.32
CA ASN D 11 -23.41 13.12 -23.76
C ASN D 11 -24.35 13.86 -22.83
N ALA D 12 -24.66 13.30 -21.65
CA ALA D 12 -25.49 13.99 -20.68
C ALA D 12 -24.91 15.36 -20.37
N THR D 13 -25.78 16.37 -20.32
CA THR D 13 -25.31 17.72 -20.06
C THR D 13 -24.79 17.85 -18.63
N ARG D 14 -25.44 17.18 -17.68
CA ARG D 14 -25.05 17.25 -16.28
C ARG D 14 -24.42 15.94 -15.83
N PHE D 15 -23.33 16.03 -15.06
CA PHE D 15 -22.69 14.87 -14.49
C PHE D 15 -22.71 14.98 -12.97
N ALA D 16 -22.67 13.82 -12.33
CA ALA D 16 -22.71 13.76 -10.88
C ALA D 16 -21.34 14.10 -10.26
N SER D 17 -21.39 14.65 -9.05
CA SER D 17 -20.23 14.61 -8.19
C SER D 17 -19.84 13.14 -7.93
N VAL D 18 -18.54 12.90 -7.80
CA VAL D 18 -18.10 11.51 -7.63
C VAL D 18 -18.66 10.88 -6.36
N TYR D 19 -18.84 11.67 -5.29
CA TYR D 19 -19.35 11.01 -4.10
C TYR D 19 -20.78 10.52 -4.31
N ALA D 20 -21.51 11.13 -5.25
CA ALA D 20 -22.89 10.78 -5.57
C ALA D 20 -23.01 10.22 -6.98
N TRP D 21 -22.05 9.38 -7.37
CA TRP D 21 -21.94 8.95 -8.76
C TRP D 21 -23.24 8.31 -9.24
N ASN D 22 -23.55 8.56 -10.51
CA ASN D 22 -24.74 8.02 -11.15
C ASN D 22 -24.45 6.65 -11.70
N ARG D 23 -25.44 5.76 -11.62
CA ARG D 23 -25.37 4.43 -12.21
C ARG D 23 -26.54 4.28 -13.17
N LYS D 24 -26.25 3.83 -14.38
CA LYS D 24 -27.25 3.50 -15.39
C LYS D 24 -27.10 2.05 -15.79
N ARG D 25 -28.17 1.28 -15.59
CA ARG D 25 -28.18 -0.14 -15.95
C ARG D 25 -28.51 -0.28 -17.44
N ILE D 26 -27.64 -0.96 -18.16
CA ILE D 26 -27.81 -1.19 -19.60
C ILE D 26 -28.35 -2.60 -19.79
N SER D 27 -29.56 -2.73 -20.33
CA SER D 27 -30.21 -4.01 -20.42
C SER D 27 -31.01 -4.14 -21.70
N ASN D 28 -31.12 -5.37 -22.20
CA ASN D 28 -31.98 -5.75 -23.32
C ASN D 28 -31.80 -4.79 -24.50
N CYS D 29 -30.60 -4.86 -25.08
CA CYS D 29 -30.27 -4.02 -26.22
C CYS D 29 -28.97 -4.54 -26.80
N VAL D 30 -28.71 -4.18 -28.05
CA VAL D 30 -27.43 -4.52 -28.68
C VAL D 30 -26.48 -3.36 -28.47
N ALA D 31 -25.37 -3.62 -27.80
CA ALA D 31 -24.40 -2.59 -27.51
C ALA D 31 -23.39 -2.52 -28.64
N ASP D 32 -23.34 -1.39 -29.33
CA ASP D 32 -22.35 -1.17 -30.37
C ASP D 32 -21.22 -0.39 -29.71
N TYR D 33 -20.30 -1.13 -29.09
CA TYR D 33 -19.20 -0.51 -28.36
C TYR D 33 -18.23 0.20 -29.27
N SER D 34 -18.37 0.03 -30.60
CA SER D 34 -17.46 0.65 -31.56
C SER D 34 -17.55 2.16 -31.54
N VAL D 35 -18.73 2.72 -31.32
CA VAL D 35 -18.88 4.17 -31.22
C VAL D 35 -17.92 4.70 -30.16
N LEU D 36 -17.60 3.89 -29.16
CA LEU D 36 -16.66 4.22 -28.10
C LEU D 36 -15.21 3.92 -28.52
N TYR D 37 -14.96 2.77 -29.16
CA TYR D 37 -13.59 2.39 -29.53
C TYR D 37 -12.87 3.51 -30.24
N ASN D 38 -13.51 3.98 -31.31
CA ASN D 38 -12.88 4.84 -32.28
C ASN D 38 -13.13 6.30 -32.02
N SER D 39 -13.46 6.66 -30.79
CA SER D 39 -13.58 8.06 -30.44
C SER D 39 -12.20 8.62 -30.14
N ALA D 40 -11.95 9.84 -30.60
CA ALA D 40 -10.70 10.52 -30.31
C ALA D 40 -10.87 11.47 -29.15
N SER D 41 -12.08 11.54 -28.60
CA SER D 41 -12.34 12.46 -27.50
C SER D 41 -11.73 11.95 -26.19
N PHE D 42 -11.59 10.62 -26.04
CA PHE D 42 -11.21 10.04 -24.76
C PHE D 42 -9.71 10.04 -24.56
N SER D 43 -9.26 10.59 -23.44
CA SER D 43 -7.86 10.53 -23.03
C SER D 43 -7.54 9.30 -22.20
N THR D 44 -8.56 8.58 -21.74
CA THR D 44 -8.38 7.32 -21.04
C THR D 44 -9.42 6.35 -21.58
N PHE D 45 -8.98 5.14 -21.97
CA PHE D 45 -9.90 4.08 -22.38
C PHE D 45 -9.23 2.78 -21.94
N LYS D 46 -9.32 2.51 -20.65
CA LYS D 46 -8.56 1.46 -19.99
C LYS D 46 -9.48 0.31 -19.58
N CYS D 47 -9.23 -0.88 -20.12
CA CYS D 47 -10.11 -2.03 -19.96
C CYS D 47 -9.39 -3.14 -19.20
N TYR D 48 -10.15 -3.83 -18.37
CA TYR D 48 -9.64 -4.87 -17.48
C TYR D 48 -10.41 -6.16 -17.74
N GLY D 49 -9.68 -7.24 -17.94
CA GLY D 49 -10.34 -8.52 -18.12
C GLY D 49 -11.00 -8.71 -19.46
N VAL D 50 -10.68 -7.86 -20.44
CA VAL D 50 -11.27 -7.94 -21.77
C VAL D 50 -10.50 -7.03 -22.70
N SER D 51 -10.30 -7.48 -23.94
CA SER D 51 -9.67 -6.60 -24.90
C SER D 51 -10.70 -5.57 -25.36
N PRO D 52 -10.36 -4.28 -25.42
CA PRO D 52 -11.41 -3.31 -25.76
C PRO D 52 -12.16 -3.69 -27.03
N THR D 53 -11.52 -4.34 -27.99
CA THR D 53 -12.16 -4.64 -29.27
C THR D 53 -12.90 -5.98 -29.32
N LYS D 54 -12.72 -6.85 -28.33
CA LYS D 54 -13.43 -8.12 -28.22
C LYS D 54 -14.78 -7.99 -27.51
N LEU D 55 -15.22 -6.76 -27.27
CA LEU D 55 -16.50 -6.48 -26.63
C LEU D 55 -17.70 -6.73 -27.54
N ASN D 56 -17.63 -6.25 -28.77
CA ASN D 56 -18.70 -6.36 -29.73
C ASN D 56 -18.94 -7.79 -30.19
N ASP D 57 -18.25 -8.72 -29.55
CA ASP D 57 -18.34 -10.15 -29.83
C ASP D 57 -18.46 -10.91 -28.50
N LEU D 58 -19.26 -10.40 -27.58
CA LEU D 58 -19.45 -11.10 -26.31
C LEU D 58 -20.79 -10.72 -25.71
N CYS D 59 -21.31 -11.58 -24.84
CA CYS D 59 -22.61 -11.37 -24.22
C CYS D 59 -22.45 -11.27 -22.70
N PHE D 60 -23.32 -10.46 -22.09
CA PHE D 60 -23.23 -10.18 -20.66
C PHE D 60 -24.63 -10.13 -20.05
N THR D 61 -24.75 -10.60 -18.80
CA THR D 61 -26.06 -10.64 -18.15
C THR D 61 -26.53 -9.25 -17.78
N ASN D 62 -25.63 -8.41 -17.25
CA ASN D 62 -25.99 -7.04 -16.91
C ASN D 62 -24.77 -6.13 -17.06
N VAL D 63 -24.98 -4.99 -17.70
CA VAL D 63 -23.95 -3.98 -17.94
C VAL D 63 -24.35 -2.70 -17.22
N TYR D 64 -23.42 -2.12 -16.46
CA TYR D 64 -23.65 -0.87 -15.76
C TYR D 64 -22.73 0.21 -16.31
N ALA D 65 -23.23 1.43 -16.36
CA ALA D 65 -22.43 2.59 -16.77
C ALA D 65 -22.47 3.60 -15.63
N ASP D 66 -21.35 3.75 -14.93
CA ASP D 66 -21.27 4.68 -13.82
C ASP D 66 -20.54 5.92 -14.28
N SER D 67 -21.05 7.10 -13.91
CA SER D 67 -20.50 8.34 -14.44
C SER D 67 -20.38 9.39 -13.35
N PHE D 68 -19.32 10.18 -13.43
CA PHE D 68 -19.02 11.19 -12.42
C PHE D 68 -17.88 12.07 -12.93
N VAL D 69 -17.61 13.12 -12.16
CA VAL D 69 -16.54 14.07 -12.40
C VAL D 69 -15.54 13.97 -11.25
N ILE D 70 -14.25 13.92 -11.60
CA ILE D 70 -13.12 14.00 -10.70
C ILE D 70 -12.10 14.93 -11.36
N ARG D 71 -10.99 15.19 -10.68
CA ARG D 71 -9.92 15.93 -11.35
C ARG D 71 -8.95 14.99 -12.07
N GLY D 72 -8.19 15.56 -13.00
CA GLY D 72 -7.36 14.76 -13.89
C GLY D 72 -6.35 13.87 -13.19
N ASP D 73 -5.71 14.38 -12.14
CA ASP D 73 -4.72 13.51 -11.49
C ASP D 73 -5.35 12.40 -10.67
N GLU D 74 -6.68 12.31 -10.64
CA GLU D 74 -7.37 11.26 -9.90
C GLU D 74 -7.87 10.15 -10.80
N VAL D 75 -7.77 10.30 -12.13
CA VAL D 75 -8.28 9.26 -13.02
C VAL D 75 -7.65 7.90 -12.71
N ARG D 76 -6.36 7.89 -12.31
CA ARG D 76 -5.67 6.66 -11.93
C ARG D 76 -6.27 5.98 -10.70
N GLN D 77 -7.05 6.72 -9.89
CA GLN D 77 -7.70 6.09 -8.75
C GLN D 77 -8.85 5.19 -9.18
N ILE D 78 -9.31 5.35 -10.42
CA ILE D 78 -10.46 4.60 -10.91
C ILE D 78 -9.90 3.31 -11.49
N ALA D 79 -9.50 2.41 -10.59
CA ALA D 79 -8.79 1.19 -10.93
C ALA D 79 -8.78 0.30 -9.69
N PRO D 80 -8.64 -1.02 -9.88
CA PRO D 80 -8.54 -1.91 -8.73
C PRO D 80 -7.28 -1.67 -7.92
N GLY D 81 -7.39 -1.97 -6.62
CA GLY D 81 -6.26 -1.92 -5.71
C GLY D 81 -5.75 -0.55 -5.37
N GLN D 82 -6.55 0.50 -5.55
CA GLN D 82 -6.12 1.85 -5.24
C GLN D 82 -6.43 2.22 -3.79
N THR D 83 -5.68 3.21 -3.27
CA THR D 83 -5.68 3.56 -1.86
C THR D 83 -5.73 5.07 -1.60
N GLY D 84 -6.16 5.88 -2.57
CA GLY D 84 -6.30 7.31 -2.35
C GLY D 84 -7.72 7.65 -1.90
N LYS D 85 -7.94 8.94 -1.64
CA LYS D 85 -9.23 9.35 -1.09
C LYS D 85 -10.37 9.06 -2.07
N ILE D 86 -10.12 9.06 -3.37
CA ILE D 86 -11.20 8.75 -4.30
C ILE D 86 -11.59 7.28 -4.16
N ALA D 87 -10.60 6.39 -4.23
CA ALA D 87 -10.89 4.96 -4.10
C ALA D 87 -11.44 4.63 -2.72
N ASP D 88 -10.86 5.20 -1.66
CA ASP D 88 -11.28 4.82 -0.32
C ASP D 88 -12.67 5.33 0.01
N TYR D 89 -12.97 6.57 -0.39
CA TYR D 89 -14.12 7.27 0.15
C TYR D 89 -15.16 7.67 -0.89
N ASN D 90 -14.91 7.48 -2.17
CA ASN D 90 -15.83 7.99 -3.17
C ASN D 90 -16.33 6.95 -4.15
N TYR D 91 -15.42 6.23 -4.82
CA TYR D 91 -15.85 5.25 -5.81
C TYR D 91 -14.80 4.15 -5.84
N LYS D 92 -15.23 2.92 -5.59
CA LYS D 92 -14.33 1.80 -5.34
C LYS D 92 -14.57 0.71 -6.37
N LEU D 93 -13.50 0.32 -7.07
CA LEU D 93 -13.55 -0.81 -8.00
C LEU D 93 -13.06 -2.08 -7.32
N PRO D 94 -13.67 -3.22 -7.62
CA PRO D 94 -13.25 -4.48 -7.00
C PRO D 94 -11.97 -5.02 -7.64
N ASP D 95 -11.26 -5.85 -6.88
CA ASP D 95 -10.07 -6.50 -7.42
C ASP D 95 -10.38 -7.26 -8.71
N ASP D 96 -11.55 -7.92 -8.78
CA ASP D 96 -11.90 -8.74 -9.94
C ASP D 96 -12.67 -7.96 -11.00
N PHE D 97 -12.47 -6.64 -11.08
CA PHE D 97 -13.20 -5.78 -12.01
C PHE D 97 -13.04 -6.26 -13.46
N THR D 98 -14.17 -6.33 -14.16
CA THR D 98 -14.20 -6.57 -15.59
C THR D 98 -14.94 -5.40 -16.22
N GLY D 99 -14.24 -4.61 -17.02
CA GLY D 99 -14.87 -3.45 -17.61
C GLY D 99 -13.85 -2.46 -18.12
N CYS D 100 -14.35 -1.27 -18.45
CA CYS D 100 -13.52 -0.23 -19.05
C CYS D 100 -13.73 1.09 -18.35
N VAL D 101 -12.62 1.78 -18.09
CA VAL D 101 -12.65 3.12 -17.53
C VAL D 101 -12.40 4.09 -18.67
N ILE D 102 -13.37 4.98 -18.90
CA ILE D 102 -13.34 5.93 -20.00
C ILE D 102 -13.42 7.34 -19.41
N ALA D 103 -12.50 8.21 -19.83
CA ALA D 103 -12.46 9.56 -19.29
C ALA D 103 -12.03 10.56 -20.34
N TRP D 104 -12.47 11.81 -20.16
CA TRP D 104 -12.09 12.88 -21.05
C TRP D 104 -12.09 14.20 -20.26
N ASN D 105 -11.22 15.12 -20.68
CA ASN D 105 -11.13 16.43 -20.03
C ASN D 105 -12.41 17.22 -20.25
N SER D 106 -12.98 17.77 -19.18
CA SER D 106 -14.22 18.54 -19.29
C SER D 106 -14.05 19.97 -18.80
N ASN D 107 -12.87 20.55 -18.94
CA ASN D 107 -12.62 21.90 -18.44
C ASN D 107 -13.58 22.90 -19.08
N ASN D 108 -13.92 22.70 -20.36
CA ASN D 108 -14.76 23.65 -21.07
C ASN D 108 -16.19 23.67 -20.58
N LEU D 109 -16.62 22.62 -19.89
CA LEU D 109 -18.00 22.49 -19.43
C LEU D 109 -18.14 22.66 -17.93
N ASP D 110 -17.18 22.18 -17.16
CA ASP D 110 -17.31 22.03 -15.72
C ASP D 110 -16.47 23.00 -14.91
N SER D 111 -15.73 23.89 -15.52
CA SER D 111 -15.00 24.90 -14.78
C SER D 111 -15.69 26.24 -14.97
N LYS D 112 -15.50 27.13 -14.01
CA LYS D 112 -16.14 28.43 -14.07
C LYS D 112 -15.16 29.51 -13.65
N VAL D 113 -15.34 30.70 -14.24
CA VAL D 113 -14.52 31.88 -13.90
C VAL D 113 -14.44 32.05 -12.39
N GLY D 114 -15.52 31.74 -11.68
CA GLY D 114 -15.50 31.73 -10.23
C GLY D 114 -14.58 30.68 -9.62
N GLY D 115 -14.42 30.66 -8.30
CA GLY D 115 -13.60 29.64 -7.67
C GLY D 115 -14.30 28.35 -7.29
N ASN D 116 -14.75 28.27 -6.04
CA ASN D 116 -15.46 27.11 -5.52
C ASN D 116 -16.70 26.82 -6.36
N TYR D 117 -17.17 25.57 -6.38
CA TYR D 117 -18.30 25.24 -7.26
C TYR D 117 -19.05 24.03 -6.69
N ASN D 118 -19.83 23.39 -7.54
CA ASN D 118 -20.80 22.39 -7.14
C ASN D 118 -20.29 20.96 -7.16
N TYR D 119 -19.13 20.69 -7.73
CA TYR D 119 -18.61 19.32 -7.73
C TYR D 119 -17.90 19.08 -6.40
N LEU D 120 -18.34 18.05 -5.68
CA LEU D 120 -17.85 17.71 -4.35
C LEU D 120 -17.26 16.29 -4.34
N TYR D 121 -16.45 16.03 -3.32
CA TYR D 121 -15.90 14.70 -3.03
C TYR D 121 -15.92 14.49 -1.54
N ARG D 122 -15.93 13.22 -1.13
CA ARG D 122 -15.91 12.88 0.29
C ARG D 122 -14.47 12.86 0.78
N LEU D 123 -14.21 13.56 1.88
CA LEU D 123 -12.89 13.68 2.44
C LEU D 123 -12.60 12.68 3.55
N PHE D 124 -13.60 12.34 4.37
CA PHE D 124 -13.47 11.48 5.53
C PHE D 124 -14.58 10.44 5.52
N ARG D 125 -14.32 9.30 6.17
CA ARG D 125 -15.29 8.25 6.36
C ARG D 125 -14.79 7.30 7.45
N LYS D 126 -15.73 6.75 8.22
CA LYS D 126 -15.38 5.82 9.30
C LYS D 126 -14.73 4.55 8.76
N SER D 127 -15.08 4.16 7.53
CA SER D 127 -14.48 3.00 6.90
C SER D 127 -14.43 3.20 5.40
N ASN D 128 -13.65 2.37 4.72
CA ASN D 128 -13.55 2.49 3.27
C ASN D 128 -14.81 1.96 2.59
N LEU D 129 -15.10 2.49 1.41
CA LEU D 129 -16.22 1.98 0.64
C LEU D 129 -15.94 0.55 0.17
N LYS D 130 -16.96 -0.29 0.22
CA LYS D 130 -16.94 -1.55 -0.54
C LYS D 130 -17.03 -1.27 -2.05
N PRO D 131 -16.57 -2.21 -2.88
CA PRO D 131 -16.71 -2.02 -4.34
C PRO D 131 -18.13 -1.70 -4.76
N PHE D 132 -18.26 -0.68 -5.60
CA PHE D 132 -19.53 -0.19 -6.14
C PHE D 132 -20.49 0.30 -5.05
N GLU D 133 -20.00 0.53 -3.84
CA GLU D 133 -20.82 1.15 -2.81
C GLU D 133 -20.90 2.66 -3.05
N ARG D 134 -22.01 3.25 -2.63
CA ARG D 134 -22.26 4.68 -2.74
C ARG D 134 -22.66 5.21 -1.38
N ASP D 135 -22.06 6.35 -0.98
CA ASP D 135 -22.41 7.02 0.26
C ASP D 135 -22.68 8.48 -0.05
N ILE D 136 -23.93 8.94 0.14
CA ILE D 136 -24.25 10.36 -0.05
C ILE D 136 -24.59 11.04 1.29
N SER D 137 -24.32 10.39 2.42
CA SER D 137 -24.65 10.99 3.70
C SER D 137 -23.71 12.16 3.99
N THR D 138 -24.16 13.04 4.88
CA THR D 138 -23.34 14.19 5.24
C THR D 138 -23.16 14.28 6.75
N GLU D 139 -23.13 13.12 7.41
CA GLU D 139 -22.91 13.08 8.85
C GLU D 139 -21.59 13.74 9.21
N ILE D 140 -21.59 14.51 10.29
CA ILE D 140 -20.38 15.15 10.76
C ILE D 140 -19.39 14.08 11.21
N TYR D 141 -18.14 14.20 10.77
CA TYR D 141 -17.14 13.17 10.96
C TYR D 141 -16.41 13.39 12.27
N GLN D 142 -16.45 12.39 13.15
CA GLN D 142 -15.82 12.48 14.47
C GLN D 142 -14.36 12.07 14.33
N ALA D 143 -13.47 13.07 14.35
CA ALA D 143 -12.05 12.78 14.24
C ALA D 143 -11.38 12.67 15.60
N GLY D 144 -12.08 13.04 16.67
CA GLY D 144 -11.50 12.95 17.99
C GLY D 144 -12.26 12.04 18.95
N SER D 145 -12.03 12.22 20.25
CA SER D 145 -12.68 11.36 21.24
C SER D 145 -14.10 11.84 21.56
N THR D 146 -14.43 13.08 21.24
CA THR D 146 -15.78 13.35 21.72
C THR D 146 -16.80 13.31 20.58
N PRO D 147 -17.96 12.71 20.84
CA PRO D 147 -19.01 12.62 19.81
C PRO D 147 -19.43 13.98 19.29
N CYS D 148 -19.78 14.02 18.00
CA CYS D 148 -20.16 15.27 17.33
C CYS D 148 -21.63 15.65 17.50
N ASN D 149 -22.53 14.68 17.57
CA ASN D 149 -23.96 14.96 17.78
C ASN D 149 -24.54 15.84 16.68
N GLY D 150 -24.10 15.64 15.44
CA GLY D 150 -24.61 16.38 14.31
C GLY D 150 -24.09 17.79 14.15
N VAL D 151 -23.15 18.23 14.98
CA VAL D 151 -22.66 19.61 14.96
C VAL D 151 -21.17 19.65 14.63
N GLU D 152 -20.80 20.55 13.73
CA GLU D 152 -19.39 20.74 13.42
C GLU D 152 -18.69 21.38 14.60
N GLY D 153 -17.41 21.04 14.74
CA GLY D 153 -16.57 21.57 15.79
C GLY D 153 -15.13 21.36 15.41
N PHE D 154 -14.24 21.52 16.38
CA PHE D 154 -12.82 21.49 16.02
C PHE D 154 -12.32 20.11 15.58
N ASN D 155 -12.87 19.02 16.12
CA ASN D 155 -12.48 17.68 15.68
C ASN D 155 -13.70 16.96 15.13
N CYS D 156 -14.65 17.75 14.66
CA CYS D 156 -15.92 17.30 14.07
C CYS D 156 -16.14 18.04 12.74
N TYR D 157 -15.84 17.36 11.64
CA TYR D 157 -15.73 17.99 10.32
C TYR D 157 -16.86 17.59 9.39
N PHE D 158 -17.36 18.55 8.63
CA PHE D 158 -18.24 18.25 7.52
C PHE D 158 -17.47 17.34 6.55
N PRO D 159 -18.06 16.25 6.08
CA PRO D 159 -17.27 15.23 5.38
C PRO D 159 -17.03 15.47 3.89
N LEU D 160 -17.70 16.46 3.29
CA LEU D 160 -17.58 16.70 1.85
C LEU D 160 -16.86 18.02 1.62
N GLN D 161 -16.00 18.02 0.60
CA GLN D 161 -15.22 19.18 0.22
C GLN D 161 -15.41 19.45 -1.27
N SER D 162 -15.35 20.73 -1.65
CA SER D 162 -15.57 21.12 -3.03
C SER D 162 -14.27 21.05 -3.82
N TYR D 163 -14.36 20.63 -5.08
CA TYR D 163 -13.27 20.82 -6.02
C TYR D 163 -13.30 22.29 -6.44
N GLY D 164 -12.14 22.85 -6.72
CA GLY D 164 -12.23 24.25 -7.11
C GLY D 164 -11.98 24.45 -8.58
N PHE D 165 -12.83 23.87 -9.43
CA PHE D 165 -12.54 23.89 -10.87
C PHE D 165 -12.58 25.31 -11.41
N GLN D 166 -11.41 25.84 -11.73
CA GLN D 166 -11.23 27.13 -12.35
C GLN D 166 -10.60 26.91 -13.72
N PRO D 167 -11.03 27.66 -14.75
CA PRO D 167 -10.52 27.37 -16.10
C PRO D 167 -9.02 27.48 -16.23
N THR D 168 -8.38 28.30 -15.38
CA THR D 168 -6.94 28.47 -15.47
C THR D 168 -6.16 27.40 -14.71
N ASN D 169 -6.85 26.40 -14.16
CA ASN D 169 -6.17 25.34 -13.43
C ASN D 169 -5.27 24.57 -14.37
N GLY D 170 -4.14 24.09 -13.84
CA GLY D 170 -3.33 23.14 -14.56
C GLY D 170 -4.08 21.85 -14.80
N VAL D 171 -3.59 21.07 -15.77
CA VAL D 171 -4.33 19.92 -16.26
C VAL D 171 -4.58 18.90 -15.16
N GLY D 172 -3.66 18.79 -14.19
CA GLY D 172 -3.86 17.83 -13.11
C GLY D 172 -5.00 18.19 -12.19
N TYR D 173 -5.39 19.46 -12.18
CA TYR D 173 -6.46 19.97 -11.35
C TYR D 173 -7.71 20.27 -12.15
N GLN D 174 -7.71 19.99 -13.46
CA GLN D 174 -8.89 20.27 -14.25
C GLN D 174 -9.92 19.15 -14.12
N PRO D 175 -11.21 19.45 -14.33
CA PRO D 175 -12.23 18.42 -14.21
C PRO D 175 -12.20 17.46 -15.38
N TYR D 176 -12.39 16.18 -15.08
CA TYR D 176 -12.53 15.13 -16.07
C TYR D 176 -13.85 14.41 -15.84
N ARG D 177 -14.58 14.16 -16.94
CA ARG D 177 -15.77 13.32 -16.89
C ARG D 177 -15.36 11.88 -17.14
N VAL D 178 -15.92 10.97 -16.33
CA VAL D 178 -15.51 9.58 -16.31
C VAL D 178 -16.74 8.71 -16.47
N VAL D 179 -16.67 7.72 -17.36
CA VAL D 179 -17.68 6.67 -17.44
C VAL D 179 -16.99 5.34 -17.20
N VAL D 180 -17.54 4.56 -16.27
CA VAL D 180 -17.06 3.22 -15.96
C VAL D 180 -18.09 2.22 -16.45
N LEU D 181 -17.70 1.38 -17.40
CA LEU D 181 -18.53 0.27 -17.84
C LEU D 181 -18.12 -0.99 -17.08
N SER D 182 -19.09 -1.69 -16.52
CA SER D 182 -18.85 -2.96 -15.84
C SER D 182 -19.80 -4.01 -16.39
N PHE D 183 -19.29 -5.22 -16.60
CA PHE D 183 -20.01 -6.30 -17.25
C PHE D 183 -20.10 -7.47 -16.28
N GLU D 184 -21.32 -7.90 -15.98
CA GLU D 184 -21.59 -8.91 -14.96
C GLU D 184 -22.18 -10.17 -15.58
N LEU D 185 -21.88 -11.30 -14.96
CA LEU D 185 -22.42 -12.60 -15.37
C LEU D 185 -23.32 -13.20 -14.28
N PRO D 189 -29.71 -14.88 -17.80
CA PRO D 189 -29.69 -14.80 -19.27
C PRO D 189 -28.98 -13.55 -19.77
N ALA D 190 -28.03 -13.71 -20.67
CA ALA D 190 -27.31 -12.56 -21.20
C ALA D 190 -28.26 -11.71 -22.05
N THR D 191 -28.56 -10.50 -21.59
CA THR D 191 -29.50 -9.64 -22.30
C THR D 191 -28.82 -8.56 -23.13
N VAL D 192 -27.54 -8.32 -22.89
CA VAL D 192 -26.75 -7.35 -23.63
C VAL D 192 -25.67 -8.09 -24.39
N CYS D 193 -25.66 -7.91 -25.71
CA CYS D 193 -24.69 -8.55 -26.58
C CYS D 193 -24.19 -7.50 -27.56
N GLY D 194 -22.98 -7.73 -28.05
CA GLY D 194 -22.40 -6.89 -29.08
C GLY D 194 -22.98 -7.23 -30.44
N PRO D 195 -22.69 -6.38 -31.43
CA PRO D 195 -23.28 -6.62 -32.77
C PRO D 195 -22.89 -7.97 -33.35
N LYS D 196 -21.62 -8.39 -33.21
CA LYS D 196 -21.23 -9.73 -33.66
C LYS D 196 -22.01 -10.77 -32.86
N VAL E 2 -6.57 25.24 -4.62
CA VAL E 2 -6.88 26.41 -3.81
C VAL E 2 -5.60 27.25 -3.68
N GLN E 3 -5.72 28.57 -3.88
CA GLN E 3 -4.59 29.49 -3.79
C GLN E 3 -4.74 30.33 -2.53
N LEU E 4 -3.72 30.32 -1.69
CA LEU E 4 -3.70 31.16 -0.49
C LEU E 4 -2.60 32.20 -0.72
N GLN E 5 -3.00 33.45 -0.91
CA GLN E 5 -2.05 34.51 -1.23
C GLN E 5 -1.80 35.30 0.06
N GLN E 6 -0.56 35.31 0.53
CA GLN E 6 -0.24 35.97 1.80
C GLN E 6 0.32 37.35 1.55
N SER E 7 -0.04 38.28 2.42
CA SER E 7 0.46 39.65 2.33
C SER E 7 0.61 40.21 3.74
N GLY E 8 1.39 41.30 3.83
CA GLY E 8 1.67 41.88 5.12
C GLY E 8 3.17 41.99 5.31
N PRO E 9 3.61 42.99 6.08
CA PRO E 9 5.04 43.27 6.17
C PRO E 9 5.74 42.19 6.96
N GLY E 10 6.97 41.85 6.51
CA GLY E 10 7.69 40.81 7.21
C GLY E 10 8.55 41.35 8.34
N LEU E 11 8.84 42.65 8.35
CA LEU E 11 9.72 43.23 9.36
C LEU E 11 8.87 43.88 10.45
N VAL E 12 9.08 43.47 11.69
CA VAL E 12 8.30 43.95 12.83
C VAL E 12 9.27 44.29 13.96
N LYS E 13 9.10 45.48 14.54
CA LYS E 13 9.96 45.84 15.65
C LYS E 13 9.63 45.00 16.88
N PRO E 14 10.63 44.66 17.69
CA PRO E 14 10.36 44.00 18.96
C PRO E 14 9.33 44.78 19.77
N SER E 15 8.41 44.05 20.39
CA SER E 15 7.23 44.53 21.12
C SER E 15 6.11 44.98 20.19
N GLY E 16 6.33 45.09 18.89
CA GLY E 16 5.29 45.46 17.96
C GLY E 16 4.32 44.33 17.70
N THR E 17 3.43 44.57 16.74
CA THR E 17 2.37 43.64 16.40
C THR E 17 2.58 43.10 14.98
N LEU E 18 2.64 41.79 14.84
CA LEU E 18 2.68 41.15 13.53
C LEU E 18 1.27 41.06 12.97
N SER E 19 1.09 41.46 11.71
CA SER E 19 -0.21 41.39 11.05
C SER E 19 -0.05 40.80 9.66
N LEU E 20 -0.79 39.72 9.40
CA LEU E 20 -0.73 39.04 8.13
C LEU E 20 -2.14 38.76 7.63
N THR E 21 -2.29 38.78 6.33
CA THR E 21 -3.57 38.55 5.70
C THR E 21 -3.40 37.49 4.63
N CYS E 22 -4.38 36.59 4.53
CA CYS E 22 -4.40 35.51 3.56
C CYS E 22 -5.64 35.71 2.70
N ALA E 23 -5.45 35.88 1.40
CA ALA E 23 -6.55 35.98 0.44
C ALA E 23 -6.73 34.63 -0.25
N VAL E 24 -7.95 34.09 -0.21
CA VAL E 24 -8.25 32.76 -0.75
C VAL E 24 -8.94 32.87 -2.10
N SER E 25 -8.49 32.08 -3.08
CA SER E 25 -9.17 31.92 -4.35
C SER E 25 -9.25 30.43 -4.68
N GLY E 26 -10.29 30.04 -5.42
CA GLY E 26 -10.55 28.64 -5.69
C GLY E 26 -11.25 27.87 -4.58
N ALA E 27 -11.70 28.58 -3.54
CA ALA E 27 -12.49 28.01 -2.45
C ALA E 27 -13.18 29.16 -1.75
N SER E 28 -14.31 28.87 -1.10
CA SER E 28 -15.05 29.89 -0.37
C SER E 28 -14.70 29.82 1.12
N ILE E 29 -14.52 30.99 1.72
CA ILE E 29 -14.25 31.08 3.15
C ILE E 29 -15.45 30.53 3.93
N SER E 30 -16.64 30.65 3.34
CA SER E 30 -17.86 30.22 4.01
C SER E 30 -18.10 28.72 3.87
N SER E 31 -17.05 27.94 4.03
CA SER E 31 -17.08 26.50 3.92
C SER E 31 -16.71 25.94 5.28
N GLY E 32 -16.78 24.61 5.42
CA GLY E 32 -16.54 24.00 6.71
C GLY E 32 -15.07 23.86 7.10
N ASP E 33 -14.24 24.80 6.72
CA ASP E 33 -12.80 24.76 6.98
C ASP E 33 -12.38 25.69 8.11
N TRP E 34 -11.24 25.35 8.72
CA TRP E 34 -10.61 26.19 9.74
C TRP E 34 -9.48 26.94 9.06
N TRP E 35 -9.65 28.25 8.90
CA TRP E 35 -8.66 29.06 8.21
C TRP E 35 -7.52 29.37 9.17
N SER E 36 -6.34 28.86 8.87
CA SER E 36 -5.36 28.59 9.92
C SER E 36 -4.01 29.21 9.61
N TRP E 37 -3.18 29.25 10.66
CA TRP E 37 -1.81 29.74 10.59
C TRP E 37 -0.90 28.75 11.27
N VAL E 38 0.26 28.51 10.65
CA VAL E 38 1.31 27.61 11.13
C VAL E 38 2.63 28.33 10.92
N ARG E 39 3.51 28.29 11.93
CA ARG E 39 4.80 28.93 11.74
C ARG E 39 5.94 27.92 11.87
N GLN E 40 7.10 28.32 11.36
CA GLN E 40 8.31 27.49 11.35
C GLN E 40 9.52 28.36 11.62
N SER E 41 10.16 28.14 12.76
CA SER E 41 11.32 29.00 12.97
C SER E 41 12.47 28.45 12.16
N PRO E 42 13.35 29.34 11.62
CA PRO E 42 14.45 28.88 10.74
C PRO E 42 15.18 27.65 11.28
N GLY E 43 15.27 26.60 10.46
CA GLY E 43 15.98 25.40 10.85
C GLY E 43 15.18 24.36 11.62
N ARG E 44 14.18 24.76 12.43
CA ARG E 44 13.39 23.79 13.18
C ARG E 44 12.09 23.43 12.47
N GLY E 45 11.09 23.03 13.26
CA GLY E 45 9.87 22.49 12.73
C GLY E 45 8.65 23.37 12.80
N LEU E 46 7.51 22.73 12.60
CA LEU E 46 6.24 23.38 12.40
C LEU E 46 5.50 23.50 13.72
N GLU E 47 4.85 24.65 13.91
CA GLU E 47 4.09 24.92 15.13
C GLU E 47 2.74 25.49 14.74
N TRP E 48 1.67 24.79 15.09
CA TRP E 48 0.32 25.29 14.84
C TRP E 48 0.04 26.51 15.71
N ILE E 49 -0.46 27.57 15.10
CA ILE E 49 -0.81 28.80 15.83
C ILE E 49 -2.29 28.82 16.18
N GLY E 50 -3.14 28.52 15.22
CA GLY E 50 -4.57 28.57 15.48
C GLY E 50 -5.33 28.59 14.17
N GLY E 51 -6.65 28.60 14.31
CA GLY E 51 -7.52 28.66 13.14
C GLY E 51 -8.84 29.33 13.48
N ILE E 52 -9.53 29.82 12.45
CA ILE E 52 -10.78 30.51 12.66
C ILE E 52 -11.81 29.98 11.69
N PHE E 53 -13.02 29.72 12.20
CA PHE E 53 -14.16 29.25 11.43
C PHE E 53 -14.90 30.46 10.87
N HIS E 54 -15.63 30.23 9.77
CA HIS E 54 -16.29 31.35 9.09
C HIS E 54 -17.30 32.03 9.99
N SER E 55 -17.84 31.31 10.97
CA SER E 55 -18.74 31.88 11.95
C SER E 55 -18.03 32.80 12.94
N GLY E 56 -16.70 32.82 12.96
CA GLY E 56 -15.96 33.61 13.91
C GLY E 56 -15.42 32.82 15.10
N THR E 57 -15.85 31.58 15.30
CA THR E 57 -15.27 30.75 16.35
C THR E 57 -13.77 30.56 16.10
N THR E 58 -12.97 30.62 17.15
CA THR E 58 -11.53 30.52 17.00
C THR E 58 -11.00 29.38 17.86
N ASN E 59 -9.86 28.82 17.45
CA ASN E 59 -9.17 27.87 18.30
C ASN E 59 -7.69 28.19 18.23
N TYR E 60 -7.10 28.61 19.34
CA TYR E 60 -5.73 29.09 19.35
C TYR E 60 -4.86 28.15 20.17
N SER E 61 -3.59 28.07 19.78
CA SER E 61 -2.61 27.40 20.63
C SER E 61 -2.63 28.03 22.01
N PRO E 62 -2.80 27.23 23.08
CA PRO E 62 -2.87 27.85 24.42
C PRO E 62 -1.61 28.60 24.81
N SER E 63 -0.44 28.17 24.35
CA SER E 63 0.77 28.93 24.65
C SER E 63 0.77 30.31 24.00
N LEU E 64 0.00 30.51 22.93
CA LEU E 64 -0.02 31.77 22.19
C LEU E 64 -1.33 32.53 22.31
N LYS E 65 -2.37 31.92 22.89
CA LYS E 65 -3.72 32.48 22.90
C LYS E 65 -3.73 33.96 23.31
N SER E 66 -3.06 34.30 24.41
CA SER E 66 -3.09 35.65 24.96
C SER E 66 -2.56 36.70 23.99
N ARG E 67 -1.76 36.31 22.99
CA ARG E 67 -1.13 37.25 22.07
C ARG E 67 -1.73 37.20 20.67
N VAL E 68 -2.55 36.20 20.39
CA VAL E 68 -3.04 35.91 19.06
C VAL E 68 -4.48 36.34 18.92
N THR E 69 -4.79 37.00 17.82
CA THR E 69 -6.14 37.28 17.38
C THR E 69 -6.23 36.94 15.90
N MET E 70 -7.35 36.37 15.48
CA MET E 70 -7.62 36.15 14.07
C MET E 70 -8.96 36.73 13.68
N SER E 71 -9.12 36.96 12.38
CA SER E 71 -10.36 37.51 11.90
C SER E 71 -10.66 36.92 10.53
N VAL E 72 -11.90 37.03 10.13
CA VAL E 72 -12.35 36.56 8.83
C VAL E 72 -13.13 37.68 8.15
N ASP E 73 -13.01 37.78 6.84
CA ASP E 73 -13.82 38.72 6.07
C ASP E 73 -14.46 37.92 4.95
N GLN E 74 -15.70 37.52 5.16
CA GLN E 74 -16.33 36.60 4.20
C GLN E 74 -16.54 37.22 2.82
N PRO E 75 -17.14 38.40 2.68
CA PRO E 75 -17.33 38.95 1.33
C PRO E 75 -16.04 39.12 0.55
N LYS E 76 -14.94 39.41 1.24
CA LYS E 76 -13.63 39.53 0.60
C LYS E 76 -12.90 38.20 0.47
N ASN E 77 -13.43 37.13 1.06
CA ASN E 77 -12.79 35.81 0.97
C ASN E 77 -11.34 35.88 1.48
N GLN E 78 -11.16 36.41 2.69
CA GLN E 78 -9.85 36.59 3.29
C GLN E 78 -9.92 36.34 4.79
N PHE E 79 -8.73 36.12 5.38
CA PHE E 79 -8.63 36.01 6.83
C PHE E 79 -7.26 36.48 7.27
N SER E 80 -7.15 36.79 8.57
CA SER E 80 -5.99 37.53 9.06
C SER E 80 -5.50 36.95 10.37
N LEU E 81 -4.23 37.23 10.64
CA LEU E 81 -3.54 36.93 11.89
C LEU E 81 -2.95 38.20 12.48
N HIS E 82 -3.09 38.35 13.79
CA HIS E 82 -2.43 39.42 14.55
C HIS E 82 -1.75 38.80 15.77
N LEU E 83 -0.47 39.09 15.94
CA LEU E 83 0.33 38.56 17.03
C LEU E 83 1.03 39.71 17.73
N THR E 84 0.64 39.98 18.98
CA THR E 84 1.11 41.18 19.66
C THR E 84 2.36 40.89 20.50
N SER E 85 3.04 41.96 20.88
CA SER E 85 4.20 41.92 21.74
C SER E 85 5.23 40.89 21.25
N VAL E 86 5.61 41.02 19.98
CA VAL E 86 6.49 40.02 19.38
C VAL E 86 7.87 40.09 20.02
N THR E 87 8.50 38.93 20.17
CA THR E 87 9.85 38.76 20.70
C THR E 87 10.71 38.13 19.61
N ALA E 88 12.00 38.01 19.91
CA ALA E 88 12.90 37.36 18.96
C ALA E 88 12.43 35.94 18.67
N ALA E 89 11.80 35.29 19.65
CA ALA E 89 11.31 33.93 19.48
C ALA E 89 10.22 33.84 18.42
N ASP E 90 9.63 34.97 18.03
CA ASP E 90 8.59 34.95 17.02
C ASP E 90 9.12 35.06 15.60
N THR E 91 10.41 35.32 15.41
CA THR E 91 10.99 35.25 14.08
C THR E 91 10.79 33.86 13.48
N ALA E 92 10.15 33.80 12.32
CA ALA E 92 9.77 32.52 11.73
C ALA E 92 9.16 32.80 10.36
N VAL E 93 9.01 31.73 9.58
CA VAL E 93 8.16 31.73 8.40
C VAL E 93 6.74 31.42 8.82
N TYR E 94 5.80 32.32 8.49
CA TYR E 94 4.40 32.16 8.83
C TYR E 94 3.61 31.74 7.59
N TYR E 95 2.86 30.63 7.71
CA TYR E 95 2.08 30.07 6.62
C TYR E 95 0.59 30.17 6.95
N CYS E 96 -0.23 30.56 5.99
CA CYS E 96 -1.65 30.34 6.16
C CYS E 96 -2.01 29.03 5.48
N ALA E 97 -3.12 28.44 5.90
CA ALA E 97 -3.48 27.12 5.41
C ALA E 97 -4.98 26.87 5.60
N ARG E 98 -5.55 26.11 4.67
CA ARG E 98 -6.90 25.60 4.80
C ARG E 98 -6.84 24.28 5.57
N MET E 99 -7.52 24.24 6.72
CA MET E 99 -7.42 23.10 7.62
C MET E 99 -8.81 22.51 7.85
N ARG E 100 -8.91 21.17 7.76
CA ARG E 100 -10.11 20.44 8.14
C ARG E 100 -9.61 19.08 8.61
N GLY E 101 -9.04 19.08 9.81
CA GLY E 101 -8.28 17.95 10.27
C GLY E 101 -6.90 18.03 9.64
N ILE E 102 -6.87 17.84 8.32
CA ILE E 102 -5.66 17.95 7.52
C ILE E 102 -5.46 19.40 7.10
N PHE E 103 -4.21 19.76 6.82
CA PHE E 103 -3.89 21.04 6.21
C PHE E 103 -3.63 20.74 4.75
N ASP E 104 -4.67 20.82 3.91
CA ASP E 104 -4.44 20.33 2.55
C ASP E 104 -3.84 21.38 1.62
N TYR E 105 -4.06 22.68 1.88
CA TYR E 105 -3.50 23.72 1.02
C TYR E 105 -2.81 24.77 1.88
N TRP E 106 -1.67 25.26 1.39
CA TRP E 106 -0.83 26.18 2.17
C TRP E 106 -0.51 27.40 1.33
N GLY E 107 -0.37 28.53 2.01
CA GLY E 107 0.20 29.71 1.39
C GLY E 107 1.69 29.52 1.18
N GLN E 108 2.29 30.50 0.51
CA GLN E 108 3.71 30.43 0.23
C GLN E 108 4.57 30.71 1.47
N GLY E 109 3.99 31.26 2.52
CA GLY E 109 4.80 31.65 3.65
C GLY E 109 5.30 33.08 3.55
N THR E 110 5.43 33.71 4.70
CA THR E 110 6.00 35.05 4.82
C THR E 110 7.06 34.98 5.91
N LEU E 111 8.32 35.23 5.55
CA LEU E 111 9.36 35.28 6.57
C LEU E 111 9.18 36.54 7.40
N VAL E 112 9.00 36.39 8.72
CA VAL E 112 8.81 37.51 9.62
C VAL E 112 10.03 37.63 10.51
N THR E 113 10.69 38.78 10.43
CA THR E 113 11.90 39.06 11.18
C THR E 113 11.60 40.09 12.26
N VAL E 114 11.83 39.74 13.52
CA VAL E 114 11.67 40.66 14.65
C VAL E 114 13.01 41.36 14.90
N SER E 115 13.06 42.66 14.61
CA SER E 115 14.32 43.42 14.67
C SER E 115 14.00 44.90 14.73
N SER E 116 14.86 45.64 15.43
CA SER E 116 14.78 47.11 15.45
C SER E 116 15.51 47.76 14.27
N ALA E 117 16.25 46.99 13.50
CA ALA E 117 17.04 47.54 12.41
C ALA E 117 16.14 47.98 11.25
N SER E 118 16.63 48.92 10.46
CA SER E 118 15.85 49.42 9.33
C SER E 118 16.17 48.64 8.05
N THR E 119 15.25 48.70 7.09
CA THR E 119 15.44 47.98 5.83
C THR E 119 16.57 48.59 5.01
N LYS E 120 17.26 47.72 4.27
CA LYS E 120 18.25 48.19 3.33
C LYS E 120 18.16 47.31 2.10
N GLY E 121 18.07 47.93 0.92
CA GLY E 121 18.01 47.20 -0.33
C GLY E 121 19.39 46.75 -0.79
N PRO E 122 19.44 45.65 -1.54
CA PRO E 122 20.74 45.13 -1.99
C PRO E 122 21.28 45.89 -3.18
N SER E 123 22.61 45.91 -3.29
CA SER E 123 23.30 46.22 -4.52
C SER E 123 23.49 44.93 -5.28
N VAL E 124 23.34 44.99 -6.60
CA VAL E 124 23.43 43.80 -7.45
C VAL E 124 24.58 43.97 -8.45
N PHE E 125 25.54 43.06 -8.39
CA PHE E 125 26.73 43.14 -9.20
C PHE E 125 26.85 41.90 -10.07
N PRO E 126 27.26 42.03 -11.34
CA PRO E 126 27.38 40.85 -12.22
C PRO E 126 28.52 39.91 -11.83
N LEU E 127 28.28 38.61 -12.02
CA LEU E 127 29.32 37.57 -12.01
C LEU E 127 29.48 37.11 -13.47
N ALA E 128 30.44 37.71 -14.17
CA ALA E 128 30.52 37.61 -15.62
C ALA E 128 30.92 36.21 -16.10
N PRO E 129 30.28 35.69 -17.13
CA PRO E 129 30.73 34.43 -17.72
C PRO E 129 31.97 34.64 -18.59
N SER E 130 32.83 33.64 -18.61
CA SER E 130 34.06 33.74 -19.39
C SER E 130 34.44 32.37 -19.93
N SER E 131 35.37 32.34 -20.87
CA SER E 131 35.92 31.05 -21.25
C SER E 131 36.73 30.52 -20.07
N LYS E 132 37.40 31.43 -19.35
CA LYS E 132 37.96 31.11 -18.05
C LYS E 132 36.92 30.38 -17.23
N SER E 133 35.67 30.87 -17.28
CA SER E 133 34.62 30.22 -16.54
C SER E 133 34.34 28.82 -17.08
N THR E 134 34.56 28.54 -18.36
CA THR E 134 34.18 27.19 -18.79
C THR E 134 34.87 26.13 -17.94
N SER E 135 34.08 25.16 -17.47
CA SER E 135 34.49 24.04 -16.64
C SER E 135 33.26 23.17 -16.42
N GLY E 136 33.48 21.88 -16.17
CA GLY E 136 32.31 21.05 -16.18
C GLY E 136 31.76 20.85 -17.57
N GLY E 137 32.40 21.44 -18.59
CA GLY E 137 31.92 21.36 -19.96
C GLY E 137 30.87 22.41 -20.23
N THR E 138 30.81 23.43 -19.38
CA THR E 138 29.79 24.46 -19.45
C THR E 138 30.38 25.77 -18.91
N ALA E 139 29.69 26.88 -19.20
CA ALA E 139 30.04 28.18 -18.64
C ALA E 139 29.16 28.48 -17.43
N ALA E 140 29.68 29.33 -16.54
CA ALA E 140 28.95 29.76 -15.33
C ALA E 140 28.85 31.27 -15.30
N LEU E 141 27.67 31.76 -14.95
CA LEU E 141 27.47 33.17 -14.68
C LEU E 141 26.57 33.30 -13.45
N GLY E 142 26.46 34.52 -12.95
CA GLY E 142 25.66 34.72 -11.76
C GLY E 142 25.52 36.18 -11.40
N CYS E 143 24.98 36.43 -10.21
CA CYS E 143 24.80 37.78 -9.70
C CYS E 143 25.10 37.82 -8.22
N LEU E 144 25.85 38.84 -7.78
CA LEU E 144 26.12 39.06 -6.37
C LEU E 144 25.09 40.04 -5.82
N VAL E 145 24.31 39.58 -4.86
CA VAL E 145 23.26 40.36 -4.26
C VAL E 145 23.75 40.73 -2.86
N LYS E 146 24.25 41.95 -2.71
CA LYS E 146 25.07 42.30 -1.56
C LYS E 146 24.42 43.38 -0.71
N ASP E 147 24.56 43.24 0.61
CA ASP E 147 24.25 44.28 1.59
C ASP E 147 22.76 44.61 1.67
N TYR E 148 21.95 43.65 2.07
CA TYR E 148 20.52 43.89 2.30
C TYR E 148 20.08 43.45 3.69
N PHE E 149 18.93 43.98 4.11
CA PHE E 149 18.30 43.63 5.37
C PHE E 149 16.84 44.03 5.31
N PRO E 150 15.91 43.20 5.81
CA PRO E 150 16.09 41.83 6.29
C PRO E 150 16.07 40.84 5.15
N GLU E 151 16.20 39.56 5.46
CA GLU E 151 15.79 38.56 4.49
C GLU E 151 14.28 38.66 4.30
N PRO E 152 13.75 38.19 3.16
CA PRO E 152 14.44 37.54 2.04
C PRO E 152 14.59 38.40 0.79
N VAL E 153 15.56 38.05 -0.05
CA VAL E 153 15.53 38.41 -1.46
C VAL E 153 15.15 37.17 -2.24
N THR E 154 14.53 37.38 -3.40
CA THR E 154 14.28 36.34 -4.39
C THR E 154 15.01 36.70 -5.67
N VAL E 155 15.54 35.69 -6.34
CA VAL E 155 16.24 35.87 -7.61
C VAL E 155 15.62 34.94 -8.64
N SER E 156 15.28 35.49 -9.79
CA SER E 156 14.87 34.73 -10.96
C SER E 156 15.83 35.04 -12.11
N TRP E 157 15.74 34.24 -13.16
CA TRP E 157 16.54 34.46 -14.36
C TRP E 157 15.64 34.51 -15.58
N ASN E 158 15.80 35.56 -16.37
CA ASN E 158 15.01 35.77 -17.58
C ASN E 158 13.52 35.71 -17.25
N SER E 159 13.14 36.45 -16.21
CA SER E 159 11.76 36.59 -15.76
C SER E 159 11.08 35.24 -15.54
N GLY E 160 11.86 34.25 -15.13
CA GLY E 160 11.36 32.95 -14.78
C GLY E 160 11.61 31.88 -15.83
N ALA E 161 12.06 32.26 -17.03
CA ALA E 161 12.22 31.31 -18.11
C ALA E 161 13.39 30.35 -17.88
N LEU E 162 14.41 30.78 -17.14
CA LEU E 162 15.61 29.99 -16.92
C LEU E 162 15.60 29.43 -15.50
N THR E 163 15.41 28.13 -15.39
CA THR E 163 15.36 27.43 -14.13
C THR E 163 16.42 26.34 -14.03
N SER E 164 16.73 25.67 -15.14
CA SER E 164 17.71 24.60 -15.13
C SER E 164 19.08 25.17 -14.79
N GLY E 165 19.79 24.48 -13.90
CA GLY E 165 21.16 24.84 -13.58
C GLY E 165 21.33 26.02 -12.63
N VAL E 166 20.24 26.56 -12.10
CA VAL E 166 20.30 27.70 -11.18
C VAL E 166 20.60 27.21 -9.77
N HIS E 167 21.54 27.86 -9.12
CA HIS E 167 21.75 27.71 -7.68
C HIS E 167 21.76 29.10 -7.07
N THR E 168 20.75 29.40 -6.26
CA THR E 168 20.73 30.60 -5.45
C THR E 168 21.12 30.22 -4.04
N PHE E 169 22.27 30.71 -3.58
CA PHE E 169 22.82 30.25 -2.32
C PHE E 169 22.09 30.87 -1.12
N PRO E 170 22.08 30.17 0.01
CA PRO E 170 21.55 30.76 1.24
C PRO E 170 22.29 32.05 1.60
N ALA E 171 21.54 33.02 2.11
CA ALA E 171 22.12 34.29 2.52
C ALA E 171 23.13 34.06 3.63
N VAL E 172 24.16 34.90 3.65
CA VAL E 172 25.18 34.92 4.70
C VAL E 172 25.04 36.25 5.43
N LEU E 173 25.12 36.20 6.76
CA LEU E 173 25.08 37.39 7.61
C LEU E 173 26.51 37.91 7.78
N GLN E 174 26.76 39.10 7.24
CA GLN E 174 28.10 39.65 7.32
C GLN E 174 28.32 40.34 8.66
N SER E 175 29.60 40.69 8.88
CA SER E 175 29.98 41.33 10.13
C SER E 175 29.26 42.68 10.31
N SER E 176 28.84 43.29 9.21
CA SER E 176 28.09 44.55 9.25
C SER E 176 26.66 44.37 9.75
N GLY E 177 26.19 43.12 9.84
CA GLY E 177 24.79 42.87 10.14
C GLY E 177 23.90 42.89 8.92
N LEU E 178 24.49 42.94 7.71
CA LEU E 178 23.77 42.91 6.45
C LEU E 178 24.02 41.58 5.73
N TYR E 179 23.03 41.15 4.97
CA TYR E 179 23.10 39.86 4.30
C TYR E 179 23.71 40.03 2.92
N SER E 180 24.30 38.95 2.43
CA SER E 180 24.76 38.89 1.05
C SER E 180 24.51 37.49 0.50
N LEU E 181 24.30 37.42 -0.81
CA LEU E 181 23.94 36.18 -1.50
C LEU E 181 24.41 36.26 -2.95
N SER E 182 24.81 35.13 -3.52
CA SER E 182 24.93 34.99 -4.97
C SER E 182 23.94 33.97 -5.53
N SER E 183 23.47 34.24 -6.73
CA SER E 183 22.74 33.26 -7.55
C SER E 183 23.52 33.04 -8.83
N VAL E 184 23.81 31.78 -9.13
CA VAL E 184 24.62 31.39 -10.28
C VAL E 184 23.79 30.47 -11.15
N VAL E 185 24.17 30.39 -12.42
CA VAL E 185 23.55 29.44 -13.35
C VAL E 185 24.63 28.93 -14.28
N THR E 186 24.60 27.64 -14.57
CA THR E 186 25.47 27.05 -15.59
C THR E 186 24.73 27.03 -16.92
N VAL E 187 25.38 27.59 -17.94
CA VAL E 187 24.77 27.75 -19.26
C VAL E 187 25.74 27.18 -20.29
N PRO E 188 25.24 26.86 -21.50
CA PRO E 188 26.15 26.32 -22.53
C PRO E 188 27.20 27.37 -22.88
N SER E 189 28.45 26.94 -22.91
CA SER E 189 29.49 27.88 -23.27
C SER E 189 29.27 28.45 -24.67
N SER E 190 28.67 27.65 -25.56
CA SER E 190 28.41 28.13 -26.91
C SER E 190 27.48 29.34 -26.89
N SER E 191 26.31 29.17 -26.28
CA SER E 191 25.28 30.20 -26.20
C SER E 191 25.70 31.23 -25.14
N LEU E 192 26.62 32.12 -25.53
CA LEU E 192 27.13 33.13 -24.61
C LEU E 192 26.90 34.52 -25.19
N GLY E 193 27.31 34.75 -26.43
CA GLY E 193 27.11 36.04 -27.04
C GLY E 193 25.73 36.19 -27.65
N THR E 194 25.02 35.09 -27.81
CA THR E 194 23.70 35.14 -28.41
C THR E 194 22.61 35.22 -27.35
N GLN E 195 22.59 34.26 -26.43
CA GLN E 195 21.54 34.22 -25.43
C GLN E 195 21.76 35.35 -24.42
N THR E 196 20.70 36.07 -24.08
CA THR E 196 20.77 37.08 -23.05
C THR E 196 20.46 36.48 -21.67
N TYR E 197 21.20 36.91 -20.65
CA TYR E 197 20.98 36.46 -19.28
C TYR E 197 20.79 37.66 -18.37
N ILE E 198 19.63 37.74 -17.73
CA ILE E 198 19.30 38.84 -16.81
C ILE E 198 18.83 38.22 -15.49
N CYS E 199 19.47 38.64 -14.40
CA CYS E 199 19.03 38.21 -13.09
C CYS E 199 18.03 39.21 -12.53
N ASN E 200 16.88 38.72 -12.09
CA ASN E 200 15.79 39.54 -11.58
C ASN E 200 15.76 39.39 -10.07
N VAL E 201 16.17 40.45 -9.38
CA VAL E 201 16.31 40.45 -7.93
C VAL E 201 15.13 41.23 -7.34
N ASN E 202 14.51 40.66 -6.32
CA ASN E 202 13.39 41.32 -5.66
C ASN E 202 13.62 41.30 -4.16
N HIS E 203 13.61 42.48 -3.54
CA HIS E 203 13.68 42.64 -2.09
C HIS E 203 12.44 43.40 -1.64
N LYS E 204 11.38 42.68 -1.31
CA LYS E 204 10.12 43.30 -0.91
C LYS E 204 10.25 44.28 0.25
N PRO E 205 10.98 43.99 1.34
CA PRO E 205 11.01 44.95 2.47
C PRO E 205 11.45 46.34 2.07
N SER E 206 12.27 46.46 1.03
CA SER E 206 12.79 47.75 0.59
C SER E 206 12.21 48.20 -0.74
N ASN E 207 11.24 47.46 -1.29
CA ASN E 207 10.65 47.77 -2.61
C ASN E 207 11.74 47.92 -3.67
N THR E 208 12.73 47.05 -3.62
CA THR E 208 13.84 47.06 -4.56
C THR E 208 13.65 45.92 -5.57
N LYS E 209 13.48 46.28 -6.84
CA LYS E 209 13.39 45.32 -7.95
C LYS E 209 14.47 45.71 -8.95
N VAL E 210 15.47 44.86 -9.10
CA VAL E 210 16.60 45.13 -9.99
C VAL E 210 16.68 44.00 -10.99
N ASP E 211 16.90 44.38 -12.25
CA ASP E 211 17.24 43.47 -13.34
C ASP E 211 18.63 43.84 -13.82
N LYS E 212 19.54 42.87 -13.82
CA LYS E 212 20.92 43.05 -14.23
C LYS E 212 21.26 42.07 -15.34
N LYS E 213 21.76 42.60 -16.47
CA LYS E 213 22.28 41.75 -17.51
C LYS E 213 23.73 41.38 -17.15
N VAL E 214 24.04 40.10 -17.24
CA VAL E 214 25.39 39.61 -16.99
C VAL E 214 25.94 39.22 -18.35
N GLU E 215 26.81 40.06 -18.89
CA GLU E 215 27.36 39.77 -20.19
C GLU E 215 28.85 39.48 -20.04
N PRO E 216 29.39 38.65 -20.93
CA PRO E 216 30.78 38.22 -20.80
C PRO E 216 31.76 39.38 -20.66
N LYS E 217 32.87 39.08 -20.00
CA LYS E 217 34.00 40.00 -19.86
C LYS E 217 35.32 39.23 -19.85
N ASP F 1 -1.66 17.98 26.43
CA ASP F 1 -2.48 17.41 25.36
C ASP F 1 -1.69 16.30 24.66
N ILE F 2 -2.24 15.74 23.60
CA ILE F 2 -1.61 14.61 22.93
C ILE F 2 -0.48 15.10 22.04
N GLN F 3 0.69 14.50 22.19
CA GLN F 3 1.89 14.92 21.46
C GLN F 3 2.36 13.78 20.58
N LEU F 4 3.25 14.09 19.66
CA LEU F 4 3.76 13.09 18.72
C LEU F 4 5.28 13.15 18.71
N THR F 5 5.91 11.99 18.54
CA THR F 5 7.35 11.90 18.37
C THR F 5 7.67 11.13 17.10
N GLN F 6 8.74 11.51 16.42
CA GLN F 6 9.17 10.83 15.22
C GLN F 6 10.53 10.19 15.41
N SER F 7 10.73 9.06 14.74
CA SER F 7 11.98 8.33 14.82
C SER F 7 12.27 7.75 13.44
N PRO F 8 13.49 7.92 12.92
CA PRO F 8 14.57 8.75 13.48
C PRO F 8 14.29 10.18 13.14
N SER F 9 15.06 11.09 13.69
CA SER F 9 14.90 12.48 13.30
C SER F 9 15.72 12.83 12.06
N SER F 10 16.69 12.01 11.70
CA SER F 10 17.41 12.22 10.45
C SER F 10 17.90 10.86 9.98
N LEU F 11 17.83 10.63 8.68
CA LEU F 11 18.31 9.39 8.11
C LEU F 11 19.00 9.71 6.80
N SER F 12 19.93 8.84 6.43
CA SER F 12 20.67 8.96 5.17
C SER F 12 20.60 7.64 4.43
N VAL F 13 20.05 7.67 3.22
CA VAL F 13 19.89 6.47 2.42
C VAL F 13 20.30 6.77 0.98
N SER F 14 20.63 5.71 0.26
CA SER F 14 20.92 5.86 -1.15
C SER F 14 19.64 5.87 -1.96
N VAL F 15 19.73 6.41 -3.17
CA VAL F 15 18.58 6.42 -4.07
C VAL F 15 18.11 4.99 -4.35
N GLY F 16 16.78 4.80 -4.31
CA GLY F 16 16.17 3.50 -4.46
C GLY F 16 15.97 2.75 -3.16
N ASP F 17 16.52 3.24 -2.05
CA ASP F 17 16.39 2.51 -0.81
C ASP F 17 14.98 2.67 -0.27
N ARG F 18 14.55 1.68 0.50
CA ARG F 18 13.26 1.72 1.17
C ARG F 18 13.41 2.57 2.43
N VAL F 19 12.46 3.46 2.68
CA VAL F 19 12.54 4.38 3.82
C VAL F 19 11.34 4.13 4.73
N THR F 20 11.61 3.98 6.01
CA THR F 20 10.59 3.76 7.02
C THR F 20 10.73 4.80 8.11
N ILE F 21 9.68 5.59 8.34
CA ILE F 21 9.69 6.64 9.34
C ILE F 21 8.54 6.34 10.30
N THR F 22 8.82 6.45 11.61
CA THR F 22 7.86 6.10 12.65
C THR F 22 7.35 7.37 13.32
N CYS F 23 6.05 7.39 13.62
CA CYS F 23 5.45 8.47 14.39
C CYS F 23 4.70 7.84 15.55
N ARG F 24 5.01 8.26 16.79
CA ARG F 24 4.38 7.73 18.00
C ARG F 24 3.63 8.83 18.72
N ALA F 25 2.39 8.53 19.11
CA ALA F 25 1.54 9.46 19.82
C ALA F 25 1.51 9.12 21.31
N SER F 26 1.52 10.15 22.16
CA SER F 26 1.58 9.94 23.59
C SER F 26 0.31 9.30 24.15
N GLN F 27 -0.79 9.34 23.41
CA GLN F 27 -2.03 8.66 23.73
C GLN F 27 -2.67 8.22 22.43
N ALA F 28 -3.63 7.30 22.53
CA ALA F 28 -4.34 6.80 21.35
C ALA F 28 -5.03 7.90 20.56
N ILE F 29 -4.88 7.87 19.24
CA ILE F 29 -5.51 8.86 18.38
C ILE F 29 -6.27 8.27 17.19
N SER F 30 -6.72 7.01 17.31
CA SER F 30 -7.46 6.31 16.26
C SER F 30 -6.63 6.36 14.97
N ASN F 31 -7.20 6.78 13.83
CA ASN F 31 -6.39 6.96 12.63
C ASN F 31 -6.35 8.42 12.20
N SER F 32 -6.55 9.36 13.12
CA SER F 32 -6.57 10.78 12.78
C SER F 32 -5.15 11.34 12.70
N LEU F 33 -4.39 10.83 11.71
CA LEU F 33 -2.96 11.09 11.59
C LEU F 33 -2.63 11.37 10.13
N ALA F 34 -1.90 12.45 9.87
CA ALA F 34 -1.50 12.85 8.53
C ALA F 34 0.01 12.93 8.45
N TRP F 35 0.54 12.82 7.21
CA TRP F 35 1.95 12.94 6.92
C TRP F 35 2.18 14.00 5.86
N TYR F 36 3.26 14.78 6.02
CA TYR F 36 3.61 15.86 5.12
C TYR F 36 5.05 15.74 4.67
N GLN F 37 5.29 16.20 3.45
CA GLN F 37 6.62 16.31 2.88
C GLN F 37 6.95 17.79 2.72
N GLN F 38 8.11 18.22 3.22
CA GLN F 38 8.53 19.61 3.04
C GLN F 38 9.90 19.66 2.37
N LYS F 39 9.92 20.09 1.11
CA LYS F 39 11.13 20.31 0.35
C LYS F 39 11.72 21.69 0.65
N PRO F 40 13.01 21.88 0.43
CA PRO F 40 13.64 23.15 0.79
C PRO F 40 12.97 24.33 0.11
N GLY F 41 12.70 25.38 0.90
CA GLY F 41 12.12 26.61 0.38
C GLY F 41 10.64 26.56 0.05
N LYS F 42 9.95 25.49 0.40
CA LYS F 42 8.56 25.32 0.04
C LYS F 42 7.72 25.04 1.28
N ALA F 43 6.42 25.25 1.15
CA ALA F 43 5.50 24.90 2.22
C ALA F 43 5.39 23.37 2.30
N PRO F 44 4.99 22.84 3.44
CA PRO F 44 4.67 21.41 3.52
C PRO F 44 3.55 21.04 2.55
N LYS F 45 3.62 19.81 2.09
CA LYS F 45 2.65 19.23 1.17
C LYS F 45 2.09 17.97 1.81
N LEU F 46 0.76 17.85 1.83
CA LEU F 46 0.09 16.70 2.39
C LEU F 46 0.30 15.47 1.53
N LEU F 47 0.79 14.39 2.13
CA LEU F 47 0.97 13.11 1.45
C LEU F 47 -0.14 12.10 1.73
N LEU F 48 -0.46 11.88 3.00
CA LEU F 48 -1.35 10.81 3.46
C LEU F 48 -2.15 11.32 4.65
N TYR F 49 -3.38 10.83 4.81
CA TYR F 49 -4.13 11.10 6.03
C TYR F 49 -5.06 9.94 6.35
N ALA F 50 -5.80 10.07 7.46
CA ALA F 50 -6.54 8.94 7.99
C ALA F 50 -5.62 7.72 8.09
N ALA F 51 -4.34 8.01 8.38
CA ALA F 51 -3.23 7.06 8.50
C ALA F 51 -2.77 6.48 7.17
N SER F 52 -3.69 6.02 6.30
CA SER F 52 -3.31 5.29 5.11
C SER F 52 -3.87 5.82 3.80
N THR F 53 -4.70 6.86 3.81
CA THR F 53 -5.36 7.35 2.60
C THR F 53 -4.47 8.37 1.90
N LEU F 54 -4.08 8.09 0.64
CA LEU F 54 -3.27 9.04 -0.10
C LEU F 54 -4.06 10.25 -0.57
N GLU F 55 -3.45 11.42 -0.46
CA GLU F 55 -4.02 12.59 -1.08
C GLU F 55 -3.91 12.46 -2.59
N SER F 56 -4.83 13.09 -3.30
CA SER F 56 -4.80 13.05 -4.76
C SER F 56 -3.47 13.58 -5.31
N GLY F 57 -2.95 12.90 -6.32
CA GLY F 57 -1.72 13.33 -6.98
C GLY F 57 -0.42 12.94 -6.30
N VAL F 58 -0.48 12.24 -5.18
CA VAL F 58 0.73 11.84 -4.47
C VAL F 58 1.29 10.57 -5.12
N PRO F 59 2.60 10.46 -5.35
CA PRO F 59 3.14 9.28 -6.04
C PRO F 59 2.94 7.98 -5.29
N SER F 60 2.86 6.88 -6.05
CA SER F 60 2.48 5.60 -5.46
C SER F 60 3.54 5.07 -4.51
N ARG F 61 4.77 5.60 -4.55
CA ARG F 61 5.79 5.08 -3.65
C ARG F 61 5.55 5.47 -2.18
N PHE F 62 4.63 6.40 -1.92
CA PHE F 62 4.33 6.77 -0.54
C PHE F 62 3.15 5.95 -0.04
N SER F 63 3.26 5.45 1.19
CA SER F 63 2.13 4.81 1.85
C SER F 63 2.25 4.98 3.36
N GLY F 64 1.14 4.76 4.04
CA GLY F 64 1.12 4.89 5.48
C GLY F 64 0.31 3.77 6.12
N SER F 65 0.64 3.51 7.37
CA SER F 65 -0.09 2.51 8.14
C SER F 65 -0.13 2.98 9.57
N GLY F 66 -0.89 2.24 10.38
CA GLY F 66 -0.93 2.49 11.81
C GLY F 66 -2.30 2.82 12.35
N SER F 67 -2.45 2.64 13.67
CA SER F 67 -3.67 2.96 14.40
C SER F 67 -3.30 3.18 15.86
N GLY F 68 -4.08 4.00 16.57
CA GLY F 68 -3.81 4.12 17.99
C GLY F 68 -2.61 4.99 18.34
N THR F 69 -1.47 4.38 18.65
CA THR F 69 -0.30 5.18 19.00
C THR F 69 0.89 5.00 18.08
N ASP F 70 0.90 4.01 17.20
CA ASP F 70 2.08 3.67 16.40
C ASP F 70 1.75 3.82 14.92
N PHE F 71 2.48 4.72 14.21
CA PHE F 71 2.21 5.02 12.81
C PHE F 71 3.49 4.93 12.00
N THR F 72 3.36 4.59 10.73
CA THR F 72 4.54 4.40 9.87
C THR F 72 4.34 5.05 8.51
N LEU F 73 5.30 5.87 8.10
CA LEU F 73 5.39 6.35 6.73
C LEU F 73 6.42 5.51 5.99
N THR F 74 6.06 5.02 4.81
CA THR F 74 6.96 4.20 4.00
C THR F 74 7.15 4.89 2.66
N ILE F 75 8.40 5.03 2.26
CA ILE F 75 8.77 5.34 0.88
C ILE F 75 9.39 4.08 0.30
N SER F 76 8.72 3.48 -0.66
CA SER F 76 9.11 2.13 -1.06
C SER F 76 10.42 2.15 -1.82
N SER F 77 10.68 3.25 -2.55
CA SER F 77 11.90 3.39 -3.34
C SER F 77 12.17 4.89 -3.43
N LEU F 78 13.14 5.36 -2.65
CA LEU F 78 13.43 6.79 -2.59
C LEU F 78 13.92 7.26 -3.96
N GLN F 79 13.36 8.38 -4.41
CA GLN F 79 13.85 9.07 -5.61
C GLN F 79 14.58 10.35 -5.21
N PRO F 80 15.42 10.91 -6.11
CA PRO F 80 16.20 12.08 -5.70
C PRO F 80 15.35 13.26 -5.27
N GLU F 81 14.18 13.44 -5.87
CA GLU F 81 13.34 14.57 -5.51
C GLU F 81 12.67 14.42 -4.16
N ASP F 82 12.83 13.26 -3.51
CA ASP F 82 12.25 13.00 -2.20
C ASP F 82 13.12 13.55 -1.07
N PHE F 83 14.24 14.18 -1.40
CA PHE F 83 15.00 14.94 -0.41
C PHE F 83 14.10 15.99 0.23
N ALA F 84 13.89 15.85 1.53
CA ALA F 84 12.92 16.69 2.27
C ALA F 84 12.92 16.29 3.73
N THR F 85 12.18 17.05 4.52
CA THR F 85 11.85 16.71 5.90
C THR F 85 10.39 16.28 5.91
N TYR F 86 10.10 15.16 6.58
CA TYR F 86 8.77 14.55 6.63
C TYR F 86 8.16 14.73 8.02
N TYR F 87 6.92 15.17 8.06
CA TYR F 87 6.26 15.49 9.33
C TYR F 87 4.99 14.67 9.50
N CYS F 88 4.77 14.17 10.71
CA CYS F 88 3.44 13.68 11.03
C CYS F 88 2.69 14.76 11.80
N GLN F 89 1.36 14.64 11.81
CA GLN F 89 0.50 15.62 12.46
C GLN F 89 -0.82 14.93 12.76
N HIS F 90 -1.32 15.05 13.98
CA HIS F 90 -2.61 14.45 14.30
C HIS F 90 -3.69 15.50 14.42
N TYR F 91 -4.92 15.07 14.15
CA TYR F 91 -6.09 15.92 14.31
C TYR F 91 -7.13 15.24 15.18
N TYR F 92 -6.67 14.47 16.17
CA TYR F 92 -7.56 13.89 17.16
C TYR F 92 -8.03 14.94 18.18
N SER F 93 -7.20 15.92 18.47
CA SER F 93 -7.61 16.99 19.38
C SER F 93 -6.92 18.25 18.91
N THR F 94 -6.22 18.95 19.80
CA THR F 94 -5.44 20.11 19.39
C THR F 94 -4.41 19.65 18.36
N PRO F 95 -4.36 20.29 17.18
CA PRO F 95 -3.40 19.85 16.16
C PRO F 95 -1.99 19.93 16.69
N PHE F 96 -1.17 18.95 16.34
CA PHE F 96 0.18 18.89 16.84
C PHE F 96 1.05 18.24 15.76
N PHE F 97 2.16 18.88 15.41
CA PHE F 97 3.09 18.36 14.43
C PHE F 97 4.26 17.67 15.14
N GLY F 98 4.62 16.47 14.70
CA GLY F 98 5.84 15.86 15.15
C GLY F 98 7.05 16.70 14.76
N GLY F 99 8.20 16.33 15.30
CA GLY F 99 9.39 17.13 15.14
C GLY F 99 10.03 17.04 13.77
N GLY F 100 9.61 16.09 12.93
CA GLY F 100 10.18 16.02 11.58
C GLY F 100 11.34 15.06 11.48
N THR F 101 11.46 14.44 10.30
CA THR F 101 12.53 13.50 10.00
C THR F 101 13.20 13.97 8.72
N LYS F 102 14.48 14.33 8.82
CA LYS F 102 15.20 14.82 7.66
C LYS F 102 15.75 13.62 6.89
N VAL F 103 15.38 13.51 5.61
CA VAL F 103 15.85 12.41 4.77
C VAL F 103 16.95 12.98 3.89
N GLU F 104 18.17 12.50 4.12
CA GLU F 104 19.35 12.87 3.36
C GLU F 104 19.72 11.74 2.40
N ILE F 105 20.44 12.08 1.33
CA ILE F 105 20.65 11.14 0.25
C ILE F 105 22.14 10.89 0.06
N LYS F 106 22.52 9.62 0.10
CA LYS F 106 23.89 9.18 -0.14
C LYS F 106 24.04 8.84 -1.61
N ARG F 107 25.15 9.26 -2.20
CA ARG F 107 25.33 8.99 -3.62
C ARG F 107 26.82 8.79 -3.88
N THR F 108 27.17 8.60 -5.15
CA THR F 108 28.56 8.41 -5.51
C THR F 108 29.31 9.73 -5.47
N VAL F 109 30.62 9.64 -5.21
CA VAL F 109 31.47 10.82 -5.25
C VAL F 109 31.30 11.52 -6.59
N ALA F 110 31.25 12.85 -6.53
CA ALA F 110 31.23 13.70 -7.69
C ALA F 110 32.13 14.89 -7.43
N ALA F 111 33.12 15.12 -8.32
CA ALA F 111 34.06 16.22 -8.15
C ALA F 111 33.43 17.57 -8.47
N PRO F 112 33.84 18.63 -7.77
CA PRO F 112 33.33 19.96 -8.10
C PRO F 112 33.88 20.49 -9.40
N SER F 113 33.02 21.18 -10.13
CA SER F 113 33.49 22.09 -11.16
C SER F 113 33.75 23.42 -10.48
N VAL F 114 34.94 23.99 -10.71
CA VAL F 114 35.40 25.19 -9.99
C VAL F 114 35.47 26.37 -10.95
N PHE F 115 34.93 27.52 -10.51
CA PHE F 115 34.91 28.77 -11.24
C PHE F 115 35.32 29.92 -10.32
N ILE F 116 35.95 30.94 -10.87
CA ILE F 116 36.31 32.13 -10.11
C ILE F 116 35.83 33.37 -10.84
N PHE F 117 35.35 34.35 -10.07
CA PHE F 117 34.74 35.55 -10.61
C PHE F 117 35.45 36.77 -10.03
N PRO F 118 35.99 37.65 -10.85
CA PRO F 118 36.61 38.86 -10.32
C PRO F 118 35.56 39.86 -9.90
N PRO F 119 35.92 40.87 -9.11
CA PRO F 119 34.93 41.90 -8.77
C PRO F 119 34.55 42.71 -10.00
N SER F 120 33.29 43.15 -10.01
CA SER F 120 32.82 43.98 -11.10
C SER F 120 33.38 45.39 -10.97
N ASP F 121 33.39 46.11 -12.09
CA ASP F 121 33.83 47.49 -12.05
C ASP F 121 32.85 48.36 -11.28
N GLU F 122 31.57 48.03 -11.35
CA GLU F 122 30.56 48.79 -10.61
C GLU F 122 30.82 48.75 -9.11
N GLN F 123 31.16 47.57 -8.58
CA GLN F 123 31.37 47.42 -7.14
C GLN F 123 32.64 48.14 -6.68
N LEU F 124 33.67 48.16 -7.53
CA LEU F 124 34.93 48.77 -7.12
C LEU F 124 34.76 50.26 -6.87
N LYS F 125 33.82 50.89 -7.58
CA LYS F 125 33.57 52.31 -7.36
C LYS F 125 33.13 52.59 -5.92
N SER F 126 32.47 51.62 -5.27
CA SER F 126 31.95 51.83 -3.92
C SER F 126 32.99 51.58 -2.83
N GLY F 127 34.18 51.10 -3.17
CA GLY F 127 35.25 50.98 -2.19
C GLY F 127 35.54 49.59 -1.68
N THR F 128 34.82 48.57 -2.14
CA THR F 128 35.07 47.20 -1.73
C THR F 128 35.19 46.32 -2.96
N ALA F 129 35.81 45.15 -2.77
CA ALA F 129 35.97 44.18 -3.85
C ALA F 129 35.55 42.81 -3.34
N SER F 130 34.61 42.19 -4.03
CA SER F 130 34.19 40.83 -3.72
C SER F 130 34.71 39.90 -4.81
N VAL F 131 35.41 38.84 -4.41
CA VAL F 131 35.85 37.81 -5.33
C VAL F 131 35.10 36.54 -4.97
N VAL F 132 34.43 35.93 -5.95
CA VAL F 132 33.55 34.80 -5.73
C VAL F 132 34.15 33.55 -6.36
N CYS F 133 34.30 32.52 -5.56
CA CYS F 133 34.73 31.20 -6.03
C CYS F 133 33.53 30.26 -5.92
N LEU F 134 33.22 29.57 -7.02
CA LEU F 134 32.07 28.68 -7.07
C LEU F 134 32.55 27.24 -7.26
N LEU F 135 32.07 26.36 -6.39
CA LEU F 135 32.26 24.91 -6.51
C LEU F 135 30.88 24.33 -6.82
N ASN F 136 30.73 23.73 -8.00
CA ASN F 136 29.42 23.33 -8.50
C ASN F 136 29.26 21.81 -8.52
N ASN F 137 28.13 21.34 -7.99
CA ASN F 137 27.62 19.99 -8.16
C ASN F 137 28.66 18.95 -7.72
N PHE F 138 28.96 18.95 -6.41
CA PHE F 138 29.91 17.99 -5.86
C PHE F 138 29.26 17.14 -4.78
N TYR F 139 29.95 16.04 -4.45
CA TYR F 139 29.53 15.14 -3.38
C TYR F 139 30.72 14.32 -2.95
N PRO F 140 30.93 14.11 -1.64
CA PRO F 140 30.17 14.58 -0.48
C PRO F 140 30.40 16.05 -0.17
N ARG F 141 29.79 16.52 0.93
CA ARG F 141 29.82 17.93 1.26
C ARG F 141 31.21 18.40 1.69
N GLU F 142 32.01 17.54 2.34
CA GLU F 142 33.30 17.97 2.87
C GLU F 142 34.20 18.49 1.76
N ALA F 143 34.61 19.74 1.88
CA ALA F 143 35.48 20.35 0.89
C ALA F 143 36.24 21.50 1.53
N LYS F 144 37.49 21.67 1.09
CA LYS F 144 38.36 22.72 1.61
C LYS F 144 38.57 23.75 0.51
N VAL F 145 38.33 25.01 0.83
CA VAL F 145 38.52 26.12 -0.10
C VAL F 145 39.52 27.07 0.54
N GLN F 146 40.54 27.44 -0.21
CA GLN F 146 41.56 28.35 0.27
C GLN F 146 41.74 29.48 -0.73
N TRP F 147 41.83 30.70 -0.22
CA TRP F 147 42.10 31.84 -1.06
C TRP F 147 43.57 32.18 -0.93
N LYS F 148 44.22 32.42 -2.07
CA LYS F 148 45.61 32.88 -2.11
C LYS F 148 45.66 34.15 -2.94
N VAL F 149 46.35 35.16 -2.41
CA VAL F 149 46.52 36.45 -3.06
C VAL F 149 48.01 36.66 -3.20
N ASP F 150 48.51 36.68 -4.44
CA ASP F 150 49.95 36.65 -4.73
C ASP F 150 50.61 35.53 -3.94
N ASN F 151 50.02 34.34 -4.04
CA ASN F 151 50.48 33.11 -3.40
C ASN F 151 50.51 33.22 -1.87
N ALA F 152 49.81 34.18 -1.28
CA ALA F 152 49.73 34.31 0.17
C ALA F 152 48.35 33.86 0.65
N LEU F 153 48.35 32.90 1.57
CA LEU F 153 47.12 32.30 2.07
C LEU F 153 46.34 33.34 2.88
N GLN F 154 45.05 33.46 2.59
CA GLN F 154 44.22 34.43 3.29
C GLN F 154 43.52 33.79 4.46
N SER F 155 43.14 34.62 5.42
CA SER F 155 42.38 34.14 6.57
C SER F 155 41.53 35.29 7.08
N GLY F 156 40.29 34.98 7.46
CA GLY F 156 39.45 35.92 8.14
C GLY F 156 38.68 36.86 7.25
N ASN F 157 38.78 36.72 5.92
CA ASN F 157 38.13 37.67 5.03
C ASN F 157 37.27 36.95 4.00
N SER F 158 36.97 35.70 4.22
CA SER F 158 36.14 34.92 3.32
C SER F 158 35.03 34.22 4.09
N GLN F 159 33.87 34.05 3.44
CA GLN F 159 32.77 33.28 4.01
C GLN F 159 32.15 32.36 2.95
N GLU F 160 31.72 31.18 3.40
CA GLU F 160 31.19 30.14 2.54
C GLU F 160 29.69 29.96 2.77
N SER F 161 29.00 29.60 1.70
CA SER F 161 27.58 29.25 1.73
C SER F 161 27.40 27.99 0.89
N VAL F 162 26.57 27.05 1.38
CA VAL F 162 26.34 25.78 0.70
C VAL F 162 24.86 25.62 0.40
N THR F 163 24.54 25.10 -0.79
CA THR F 163 23.15 24.74 -1.03
C THR F 163 22.80 23.44 -0.28
N GLU F 164 21.51 23.13 -0.25
CA GLU F 164 21.10 21.80 0.17
C GLU F 164 21.19 20.87 -1.02
N GLN F 165 21.18 19.56 -0.74
CA GLN F 165 21.31 18.57 -1.80
C GLN F 165 20.32 18.84 -2.91
N ASP F 166 20.81 18.81 -4.15
CA ASP F 166 20.00 19.12 -5.32
C ASP F 166 18.89 18.10 -5.50
N SER F 167 17.71 18.57 -5.92
CA SER F 167 16.53 17.72 -6.07
C SER F 167 16.67 16.73 -7.22
N LYS F 168 17.60 16.94 -8.13
CA LYS F 168 17.73 16.06 -9.28
C LYS F 168 18.92 15.11 -9.18
N ASP F 169 20.11 15.61 -8.83
CA ASP F 169 21.29 14.75 -8.74
C ASP F 169 21.86 14.61 -7.34
N SER F 170 21.23 15.20 -6.32
CA SER F 170 21.63 15.02 -4.92
C SER F 170 23.00 15.60 -4.59
N THR F 171 23.52 16.50 -5.42
CA THR F 171 24.81 17.12 -5.17
C THR F 171 24.64 18.42 -4.40
N TYR F 172 25.77 18.97 -3.97
CA TYR F 172 25.88 20.27 -3.32
C TYR F 172 26.56 21.24 -4.26
N SER F 173 26.29 22.52 -4.04
CA SER F 173 27.10 23.59 -4.62
C SER F 173 27.51 24.52 -3.49
N LEU F 174 28.62 25.21 -3.70
CA LEU F 174 29.21 26.00 -2.64
C LEU F 174 29.83 27.25 -3.23
N SER F 175 29.61 28.36 -2.56
CA SER F 175 30.28 29.61 -2.89
C SER F 175 31.20 29.99 -1.75
N SER F 176 32.38 30.52 -2.10
CA SER F 176 33.26 31.19 -1.14
C SER F 176 33.52 32.59 -1.66
N THR F 177 33.21 33.59 -0.85
CA THR F 177 33.32 34.98 -1.24
C THR F 177 34.42 35.64 -0.42
N LEU F 178 35.38 36.24 -1.12
CA LEU F 178 36.50 36.94 -0.51
C LEU F 178 36.21 38.43 -0.59
N THR F 179 36.33 39.12 0.54
CA THR F 179 35.93 40.52 0.64
C THR F 179 37.16 41.33 1.03
N LEU F 180 37.51 42.28 0.17
CA LEU F 180 38.65 43.16 0.39
C LEU F 180 38.24 44.59 0.08
N SER F 181 38.92 45.53 0.73
CA SER F 181 38.80 46.92 0.33
C SER F 181 39.36 47.12 -1.09
N LYS F 182 38.86 48.14 -1.78
CA LYS F 182 39.35 48.43 -3.12
C LYS F 182 40.86 48.69 -3.10
N ALA F 183 41.33 49.39 -2.06
CA ALA F 183 42.76 49.71 -1.97
C ALA F 183 43.59 48.43 -1.85
N ASP F 184 43.17 47.52 -0.96
CA ASP F 184 43.92 46.28 -0.77
C ASP F 184 43.83 45.38 -2.00
N TYR F 185 42.70 45.37 -2.69
CA TYR F 185 42.58 44.58 -3.90
C TYR F 185 43.55 45.06 -4.98
N GLU F 186 43.71 46.38 -5.10
CA GLU F 186 44.58 46.94 -6.13
C GLU F 186 46.07 46.74 -5.81
N LYS F 187 46.41 46.37 -4.58
CA LYS F 187 47.79 46.17 -4.18
C LYS F 187 48.36 44.84 -4.69
N HIS F 188 47.53 43.96 -5.22
CA HIS F 188 47.94 42.62 -5.60
C HIS F 188 47.42 42.33 -7.01
N LYS F 189 47.96 41.26 -7.60
CA LYS F 189 47.66 40.91 -8.99
C LYS F 189 47.01 39.54 -9.17
N VAL F 190 47.51 38.49 -8.52
CA VAL F 190 47.02 37.14 -8.73
C VAL F 190 46.07 36.78 -7.58
N TYR F 191 44.85 36.42 -7.94
CA TYR F 191 43.82 36.00 -6.99
C TYR F 191 43.41 34.58 -7.33
N ALA F 192 43.68 33.65 -6.40
CA ALA F 192 43.53 32.22 -6.66
C ALA F 192 42.64 31.57 -5.61
N CYS F 193 41.77 30.67 -6.07
CA CYS F 193 40.95 29.81 -5.24
C CYS F 193 41.45 28.37 -5.39
N GLU F 194 41.89 27.76 -4.29
CA GLU F 194 42.38 26.38 -4.30
C GLU F 194 41.41 25.45 -3.59
N VAL F 195 40.99 24.40 -4.29
CA VAL F 195 39.92 23.51 -3.86
C VAL F 195 40.46 22.09 -3.64
N THR F 196 40.18 21.52 -2.47
CA THR F 196 40.49 20.13 -2.15
C THR F 196 39.19 19.38 -1.91
N HIS F 197 39.02 18.25 -2.59
CA HIS F 197 37.81 17.45 -2.45
C HIS F 197 38.13 16.00 -2.77
N GLN F 198 37.36 15.09 -2.15
CA GLN F 198 37.55 13.65 -2.32
C GLN F 198 37.55 13.26 -3.80
N GLY F 199 36.72 13.91 -4.60
CA GLY F 199 36.65 13.59 -6.02
C GLY F 199 37.82 14.07 -6.86
N LEU F 200 38.77 14.80 -6.30
CA LEU F 200 39.96 15.23 -7.03
C LEU F 200 41.18 14.47 -6.55
N SER F 201 42.03 14.06 -7.51
CA SER F 201 43.26 13.37 -7.14
C SER F 201 44.23 14.33 -6.48
N SER F 202 44.21 15.59 -6.87
CA SER F 202 45.05 16.63 -6.30
C SER F 202 44.28 17.94 -6.31
N PRO F 203 44.66 18.91 -5.48
CA PRO F 203 43.89 20.16 -5.41
C PRO F 203 43.86 20.88 -6.76
N VAL F 204 42.76 21.58 -6.99
CA VAL F 204 42.50 22.30 -8.23
C VAL F 204 42.48 23.78 -7.88
N THR F 205 43.17 24.59 -8.67
CA THR F 205 43.26 26.03 -8.44
C THR F 205 42.73 26.78 -9.64
N LYS F 206 41.88 27.77 -9.41
CA LYS F 206 41.48 28.69 -10.44
C LYS F 206 41.94 30.05 -10.00
N SER F 207 42.47 30.83 -10.96
CA SER F 207 43.00 32.14 -10.63
C SER F 207 42.78 33.06 -11.81
N PHE F 208 42.82 34.36 -11.51
CA PHE F 208 42.81 35.40 -12.51
C PHE F 208 43.87 36.42 -12.09
N ASN F 209 44.34 37.20 -13.06
CA ASN F 209 45.27 38.27 -12.76
C ASN F 209 44.49 39.58 -12.84
N ARG F 210 44.56 40.39 -11.78
CA ARG F 210 43.81 41.64 -11.71
C ARG F 210 44.08 42.50 -12.93
N GLY F 211 43.00 42.93 -13.57
CA GLY F 211 43.04 43.64 -14.84
C GLY F 211 42.72 42.62 -15.92
N GLU F 212 43.50 42.60 -16.98
CA GLU F 212 43.29 41.64 -18.08
C GLU F 212 41.88 41.64 -18.65
#